data_2PD4
#
_entry.id   2PD4
#
_cell.length_a   73.253
_cell.length_b   95.072
_cell.length_c   75.019
_cell.angle_alpha   90.00
_cell.angle_beta   106.53
_cell.angle_gamma   90.00
#
_symmetry.space_group_name_H-M   'P 1 21 1'
#
loop_
_entity.id
_entity.type
_entity.pdbx_description
1 polymer 'Enoyl-[acyl-carrier-protein] reductase [NADH]'
2 non-polymer NICOTINAMIDE-ADENINE-DINUCLEOTIDE
3 non-polymer DICLOSAN
4 water water
#
_entity_poly.entity_id   1
_entity_poly.type   'polypeptide(L)'
_entity_poly.pdbx_seq_one_letter_code
;MGFLKGKKGLIVGVANNKSIAYGIAQSCFNQGATLAFTYLNESLEKRVRPIAQELNSPYVYELDVSKEEHFKSLYNSVKK
DLGSLDFIVHSVAFAPKEALEGSLLETSKSAFNTAMEISVYSLIELTNTLKPLLNNGASVLTLSYLGSTKYMAHYNVMGL
AKAALESAVRYLAVDLGKHHIRVNALSAGPIRTLASSGIADFRMILKWNEINAPLRKNVSLEEVGNAGMYLLSSLSSGVS
GEVHFVDAGYHVMGMGAVEEKDNKATLLWDLHKEQ
;
_entity_poly.pdbx_strand_id   A,B,C,D
#
# COMPACT_ATOMS: atom_id res chain seq x y z
N GLY A 2 27.75 2.39 -22.77
CA GLY A 2 26.92 2.44 -21.53
C GLY A 2 25.45 2.67 -21.80
N PHE A 3 24.64 2.57 -20.75
CA PHE A 3 23.20 2.74 -20.88
C PHE A 3 22.77 4.20 -20.96
N LEU A 4 23.68 5.11 -20.67
CA LEU A 4 23.39 6.52 -20.74
C LEU A 4 24.29 7.22 -21.78
N LYS A 5 24.99 6.43 -22.59
CA LYS A 5 25.86 6.99 -23.62
C LYS A 5 25.05 7.95 -24.52
N GLY A 6 25.55 9.17 -24.69
CA GLY A 6 24.87 10.14 -25.52
C GLY A 6 23.74 10.88 -24.82
N LYS A 7 23.30 10.37 -23.69
CA LYS A 7 22.21 10.97 -22.93
C LYS A 7 22.68 12.17 -22.10
N LYS A 8 21.81 13.16 -21.96
CA LYS A 8 22.13 14.37 -21.20
C LYS A 8 21.24 14.55 -19.96
N GLY A 9 21.86 14.62 -18.79
CA GLY A 9 21.10 14.80 -17.56
C GLY A 9 21.50 15.98 -16.69
N LEU A 10 20.53 16.54 -15.96
CA LEU A 10 20.80 17.65 -15.05
C LEU A 10 20.73 17.09 -13.65
N ILE A 11 21.81 17.27 -12.88
CA ILE A 11 21.87 16.79 -11.51
C ILE A 11 21.67 17.93 -10.53
N VAL A 12 20.55 17.89 -9.81
CA VAL A 12 20.24 18.93 -8.82
C VAL A 12 20.28 18.30 -7.43
N GLY A 13 21.14 18.81 -6.54
CA GLY A 13 21.19 18.25 -5.20
C GLY A 13 22.55 17.83 -4.67
N VAL A 14 23.61 18.12 -5.42
CA VAL A 14 24.95 17.76 -4.99
C VAL A 14 25.50 18.78 -3.97
N ALA A 15 25.86 18.30 -2.78
CA ALA A 15 26.43 19.17 -1.74
C ALA A 15 27.90 18.81 -1.55
N ASN A 16 28.21 17.52 -1.68
CA ASN A 16 29.59 17.03 -1.54
C ASN A 16 29.70 15.62 -2.14
N ASN A 17 30.84 14.96 -1.97
CA ASN A 17 31.07 13.62 -2.51
C ASN A 17 30.25 12.52 -1.84
N LYS A 18 29.42 12.90 -0.87
CA LYS A 18 28.59 11.91 -0.17
C LYS A 18 27.11 12.11 -0.47
N SER A 19 26.77 13.17 -1.17
CA SER A 19 25.38 13.44 -1.51
C SER A 19 24.84 12.29 -2.34
N ILE A 20 23.58 11.92 -2.15
CA ILE A 20 22.97 10.85 -2.93
C ILE A 20 23.00 11.23 -4.40
N ALA A 21 22.88 12.52 -4.69
CA ALA A 21 22.90 13.05 -6.05
C ALA A 21 24.25 12.80 -6.70
N TYR A 22 25.30 12.75 -5.88
CA TYR A 22 26.63 12.50 -6.43
C TYR A 22 26.74 11.01 -6.76
N GLY A 23 26.22 10.15 -5.89
CA GLY A 23 26.28 8.73 -6.16
C GLY A 23 25.62 8.47 -7.50
N ILE A 24 24.43 9.02 -7.67
CA ILE A 24 23.67 8.84 -8.91
C ILE A 24 24.43 9.39 -10.11
N ALA A 25 25.00 10.59 -9.94
CA ALA A 25 25.76 11.22 -11.00
C ALA A 25 26.97 10.34 -11.33
N GLN A 26 27.62 9.80 -10.30
CA GLN A 26 28.78 8.94 -10.47
C GLN A 26 28.40 7.74 -11.31
N SER A 27 27.33 7.05 -10.91
CA SER A 27 26.86 5.88 -11.65
C SER A 27 26.42 6.24 -13.08
N CYS A 28 25.71 7.35 -13.23
CA CYS A 28 25.27 7.75 -14.56
C CYS A 28 26.49 8.08 -15.41
N PHE A 29 27.53 8.59 -14.77
CA PHE A 29 28.76 8.96 -15.48
C PHE A 29 29.43 7.72 -16.05
N ASN A 30 29.55 6.70 -15.21
CA ASN A 30 30.15 5.44 -15.62
C ASN A 30 29.38 4.81 -16.77
N GLN A 31 28.22 5.35 -17.07
CA GLN A 31 27.41 4.81 -18.17
C GLN A 31 27.43 5.70 -19.40
N GLY A 32 28.36 6.65 -19.43
CA GLY A 32 28.50 7.53 -20.58
C GLY A 32 27.62 8.76 -20.65
N ALA A 33 26.97 9.11 -19.55
CA ALA A 33 26.10 10.27 -19.55
C ALA A 33 26.89 11.58 -19.50
N THR A 34 26.37 12.59 -20.19
CA THR A 34 26.94 13.92 -20.21
C THR A 34 26.19 14.55 -19.05
N LEU A 35 26.91 15.09 -18.08
CA LEU A 35 26.27 15.68 -16.91
C LEU A 35 26.41 17.19 -16.75
N ALA A 36 25.43 17.76 -16.06
CA ALA A 36 25.37 19.19 -15.75
C ALA A 36 24.92 19.23 -14.29
N PHE A 37 25.53 20.11 -13.50
CA PHE A 37 25.18 20.21 -12.09
C PHE A 37 24.74 21.60 -11.67
N THR A 38 24.01 21.67 -10.56
CA THR A 38 23.55 22.95 -10.02
C THR A 38 23.93 22.97 -8.55
N TYR A 39 24.14 24.16 -8.01
CA TYR A 39 24.48 24.29 -6.59
C TYR A 39 23.55 25.35 -5.97
N LEU A 40 23.34 25.24 -4.66
CA LEU A 40 22.48 26.17 -3.95
C LEU A 40 23.10 27.57 -3.84
N ASN A 41 24.38 27.62 -3.49
CA ASN A 41 25.08 28.89 -3.35
C ASN A 41 26.58 28.74 -3.61
N GLU A 42 27.34 29.77 -3.32
CA GLU A 42 28.78 29.73 -3.55
C GLU A 42 29.61 28.89 -2.60
N SER A 43 29.06 28.57 -1.43
CA SER A 43 29.79 27.74 -0.50
C SER A 43 29.72 26.30 -1.00
N LEU A 44 28.53 25.91 -1.47
CA LEU A 44 28.32 24.57 -2.00
C LEU A 44 29.07 24.40 -3.31
N GLU A 45 29.06 25.46 -4.11
CA GLU A 45 29.75 25.46 -5.39
C GLU A 45 31.22 25.07 -5.25
N LYS A 46 31.77 25.30 -4.07
CA LYS A 46 33.16 24.97 -3.82
C LYS A 46 33.34 23.46 -3.91
N ARG A 47 32.28 22.72 -3.59
CA ARG A 47 32.35 21.27 -3.66
C ARG A 47 31.79 20.76 -4.97
N VAL A 48 30.75 21.42 -5.46
CA VAL A 48 30.13 21.00 -6.70
C VAL A 48 31.06 21.06 -7.90
N ARG A 49 31.76 22.18 -8.10
CA ARG A 49 32.67 22.32 -9.24
C ARG A 49 33.72 21.23 -9.39
N PRO A 50 34.59 21.05 -8.38
CA PRO A 50 35.58 19.99 -8.54
C PRO A 50 34.90 18.66 -8.88
N ILE A 51 33.80 18.36 -8.18
CA ILE A 51 33.07 17.12 -8.42
C ILE A 51 32.64 17.06 -9.88
N ALA A 52 32.14 18.17 -10.39
CA ALA A 52 31.67 18.26 -11.77
C ALA A 52 32.82 17.98 -12.71
N GLN A 53 33.98 18.58 -12.44
CA GLN A 53 35.15 18.37 -13.29
C GLN A 53 35.56 16.91 -13.21
N GLU A 54 35.50 16.36 -12.01
CA GLU A 54 35.83 14.96 -11.78
C GLU A 54 34.97 14.10 -12.71
N LEU A 55 33.73 14.53 -12.92
CA LEU A 55 32.81 13.81 -13.77
C LEU A 55 32.79 14.37 -15.19
N ASN A 56 33.92 14.95 -15.59
CA ASN A 56 34.06 15.48 -16.93
C ASN A 56 32.99 16.51 -17.29
N SER A 57 32.58 17.33 -16.33
CA SER A 57 31.53 18.33 -16.59
C SER A 57 31.90 19.78 -16.33
N PRO A 58 31.71 20.64 -17.33
CA PRO A 58 32.01 22.07 -17.21
C PRO A 58 30.70 22.87 -17.00
N TYR A 59 29.58 22.16 -17.04
CA TYR A 59 28.27 22.78 -16.87
C TYR A 59 27.81 22.80 -15.42
N VAL A 60 28.10 23.90 -14.74
CA VAL A 60 27.73 24.07 -13.35
C VAL A 60 26.88 25.33 -13.26
N TYR A 61 25.65 25.20 -12.77
CA TYR A 61 24.77 26.34 -12.65
C TYR A 61 24.26 26.57 -11.24
N GLU A 62 23.94 27.82 -10.93
CA GLU A 62 23.42 28.17 -9.61
C GLU A 62 21.92 27.90 -9.58
N LEU A 63 21.46 27.27 -8.50
CA LEU A 63 20.04 27.00 -8.40
C LEU A 63 19.52 26.79 -6.98
N ASP A 64 18.85 27.81 -6.46
CA ASP A 64 18.23 27.78 -5.14
C ASP A 64 16.76 27.72 -5.52
N VAL A 65 16.12 26.59 -5.26
CA VAL A 65 14.74 26.38 -5.65
C VAL A 65 13.73 27.39 -5.08
N SER A 66 14.16 28.27 -4.18
CA SER A 66 13.24 29.24 -3.61
C SER A 66 13.25 30.53 -4.41
N LYS A 67 14.18 30.62 -5.36
CA LYS A 67 14.30 31.80 -6.21
C LYS A 67 13.86 31.46 -7.62
N GLU A 68 12.65 31.86 -7.97
CA GLU A 68 12.10 31.59 -9.29
C GLU A 68 12.98 32.06 -10.44
N GLU A 69 13.63 33.21 -10.29
CA GLU A 69 14.49 33.74 -11.33
C GLU A 69 15.62 32.76 -11.68
N HIS A 70 16.06 31.95 -10.73
CA HIS A 70 17.12 30.99 -11.00
C HIS A 70 16.64 29.94 -12.02
N PHE A 71 15.35 29.62 -11.98
CA PHE A 71 14.80 28.64 -12.92
C PHE A 71 14.86 29.19 -14.35
N LYS A 72 14.66 30.49 -14.49
CA LYS A 72 14.71 31.15 -15.80
C LYS A 72 16.12 30.99 -16.37
N SER A 73 17.11 31.36 -15.57
CA SER A 73 18.51 31.27 -15.97
C SER A 73 18.89 29.82 -16.26
N LEU A 74 18.40 28.90 -15.43
CA LEU A 74 18.70 27.49 -15.61
C LEU A 74 18.25 27.06 -17.00
N TYR A 75 17.00 27.41 -17.33
CA TYR A 75 16.44 27.07 -18.64
C TYR A 75 17.40 27.54 -19.73
N ASN A 76 17.66 28.84 -19.75
CA ASN A 76 18.55 29.46 -20.73
C ASN A 76 19.93 28.83 -20.75
N SER A 77 20.42 28.44 -19.58
CA SER A 77 21.75 27.85 -19.50
C SER A 77 21.83 26.45 -20.10
N VAL A 78 21.01 25.52 -19.65
CA VAL A 78 21.08 24.19 -20.22
C VAL A 78 20.69 24.24 -21.69
N LYS A 79 19.80 25.15 -22.06
CA LYS A 79 19.38 25.27 -23.45
C LYS A 79 20.51 25.74 -24.35
N LYS A 80 21.41 26.54 -23.80
CA LYS A 80 22.54 27.07 -24.56
C LYS A 80 23.72 26.11 -24.54
N ASP A 81 23.99 25.53 -23.38
CA ASP A 81 25.10 24.60 -23.24
C ASP A 81 24.78 23.18 -23.72
N LEU A 82 23.60 22.66 -23.35
CA LEU A 82 23.21 21.30 -23.71
C LEU A 82 22.14 21.13 -24.78
N GLY A 83 21.31 22.15 -24.99
CA GLY A 83 20.29 22.05 -26.01
C GLY A 83 19.07 21.24 -25.61
N SER A 84 19.29 20.12 -24.94
CA SER A 84 18.17 19.30 -24.50
C SER A 84 18.61 18.38 -23.36
N LEU A 85 17.62 17.84 -22.67
CA LEU A 85 17.88 16.95 -21.54
C LEU A 85 17.19 15.60 -21.71
N ASP A 86 17.85 14.56 -21.22
CA ASP A 86 17.33 13.20 -21.30
C ASP A 86 16.90 12.73 -19.92
N PHE A 87 17.43 13.35 -18.88
CA PHE A 87 17.03 12.97 -17.54
C PHE A 87 17.33 14.06 -16.53
N ILE A 88 16.50 14.11 -15.49
CA ILE A 88 16.65 15.10 -14.44
C ILE A 88 16.71 14.39 -13.10
N VAL A 89 17.66 14.79 -12.26
CA VAL A 89 17.80 14.21 -10.94
C VAL A 89 17.40 15.27 -9.92
N HIS A 90 16.35 15.01 -9.16
CA HIS A 90 15.87 15.94 -8.17
C HIS A 90 16.16 15.38 -6.77
N SER A 91 17.30 15.74 -6.22
CA SER A 91 17.72 15.26 -4.91
C SER A 91 17.88 16.45 -3.97
N VAL A 92 16.76 17.04 -3.60
CA VAL A 92 16.72 18.22 -2.75
C VAL A 92 15.58 18.15 -1.74
N ALA A 93 15.85 18.62 -0.54
CA ALA A 93 14.87 18.65 0.54
C ALA A 93 15.43 19.46 1.68
N PHE A 94 14.56 20.21 2.36
CA PHE A 94 14.97 21.03 3.49
C PHE A 94 13.77 21.29 4.40
N ALA A 95 14.11 21.51 5.66
CA ALA A 95 13.13 21.79 6.71
C ALA A 95 13.96 22.32 7.89
N PRO A 96 13.42 23.33 8.61
CA PRO A 96 14.18 23.86 9.74
C PRO A 96 14.52 22.73 10.72
N LYS A 97 15.69 22.82 11.33
CA LYS A 97 16.18 21.82 12.28
C LYS A 97 15.16 21.41 13.34
N GLU A 98 14.45 22.41 13.90
CA GLU A 98 13.45 22.18 14.93
C GLU A 98 12.35 21.21 14.50
N ALA A 99 11.88 21.36 13.27
CA ALA A 99 10.82 20.53 12.72
C ALA A 99 11.16 19.05 12.80
N LEU A 100 12.44 18.73 12.57
CA LEU A 100 12.88 17.34 12.61
C LEU A 100 13.08 16.77 14.00
N GLU A 101 12.73 17.53 15.02
CA GLU A 101 12.85 17.04 16.39
C GLU A 101 11.53 17.35 17.07
N GLY A 102 11.26 16.70 18.19
CA GLY A 102 9.99 16.93 18.85
C GLY A 102 8.89 16.26 18.03
N SER A 103 7.66 16.74 18.18
CA SER A 103 6.54 16.18 17.46
C SER A 103 6.08 17.01 16.28
N LEU A 104 5.19 16.43 15.48
CA LEU A 104 4.65 17.10 14.31
C LEU A 104 3.79 18.26 14.83
N LEU A 105 3.10 17.99 15.95
CA LEU A 105 2.21 18.97 16.58
C LEU A 105 2.85 20.34 16.83
N GLU A 106 4.16 20.37 17.06
CA GLU A 106 4.86 21.63 17.35
C GLU A 106 5.28 22.42 16.10
N THR A 107 5.22 21.77 14.94
CA THR A 107 5.63 22.39 13.68
C THR A 107 4.93 23.71 13.46
N SER A 108 5.68 24.74 13.06
CA SER A 108 5.07 26.03 12.80
C SER A 108 4.60 26.09 11.34
N LYS A 109 3.77 27.08 11.03
CA LYS A 109 3.27 27.23 9.67
C LYS A 109 4.39 27.55 8.68
N SER A 110 5.41 28.24 9.17
CA SER A 110 6.55 28.64 8.35
C SER A 110 7.46 27.47 8.03
N ALA A 111 7.70 26.62 9.02
CA ALA A 111 8.55 25.45 8.84
C ALA A 111 7.83 24.51 7.87
N PHE A 112 6.52 24.39 8.05
CA PHE A 112 5.70 23.53 7.19
C PHE A 112 5.84 23.92 5.74
N ASN A 113 5.61 25.21 5.45
CA ASN A 113 5.69 25.72 4.09
C ASN A 113 7.07 25.56 3.49
N THR A 114 8.10 25.77 4.31
CA THR A 114 9.46 25.65 3.84
C THR A 114 9.68 24.19 3.44
N ALA A 115 9.32 23.28 4.34
CA ALA A 115 9.47 21.86 4.05
C ALA A 115 8.78 21.51 2.73
N MET A 116 7.52 21.90 2.60
CA MET A 116 6.76 21.59 1.39
C MET A 116 7.28 22.22 0.10
N GLU A 117 7.61 23.52 0.14
CA GLU A 117 8.11 24.22 -1.03
C GLU A 117 9.46 23.71 -1.53
N ILE A 118 10.43 23.64 -0.63
CA ILE A 118 11.76 23.19 -1.03
C ILE A 118 11.84 21.73 -1.40
N SER A 119 11.05 20.90 -0.72
CA SER A 119 11.09 19.46 -0.93
C SER A 119 10.07 18.87 -1.91
N VAL A 120 9.03 19.63 -2.24
CA VAL A 120 8.01 19.10 -3.13
C VAL A 120 7.73 20.00 -4.32
N TYR A 121 7.31 21.24 -4.07
CA TYR A 121 6.99 22.16 -5.15
C TYR A 121 8.13 22.35 -6.13
N SER A 122 9.35 22.26 -5.61
CA SER A 122 10.54 22.44 -6.46
C SER A 122 10.61 21.40 -7.57
N LEU A 123 10.05 20.21 -7.35
CA LEU A 123 10.06 19.18 -8.39
C LEU A 123 9.11 19.62 -9.51
N ILE A 124 7.97 20.17 -9.12
CA ILE A 124 6.98 20.66 -10.07
C ILE A 124 7.57 21.81 -10.91
N GLU A 125 8.17 22.79 -10.24
CA GLU A 125 8.74 23.95 -10.94
C GLU A 125 9.95 23.59 -11.81
N LEU A 126 10.80 22.71 -11.29
CA LEU A 126 11.99 22.27 -12.00
C LEU A 126 11.59 21.55 -13.28
N THR A 127 10.61 20.66 -13.17
CA THR A 127 10.12 19.89 -14.29
C THR A 127 9.37 20.75 -15.30
N ASN A 128 8.47 21.60 -14.81
CA ASN A 128 7.69 22.45 -15.69
C ASN A 128 8.63 23.41 -16.43
N THR A 129 9.63 23.92 -15.73
CA THR A 129 10.55 24.85 -16.34
C THR A 129 11.33 24.20 -17.48
N LEU A 130 11.83 22.99 -17.25
CA LEU A 130 12.61 22.28 -18.25
C LEU A 130 11.82 21.39 -19.18
N LYS A 131 10.50 21.35 -19.02
CA LYS A 131 9.70 20.49 -19.89
C LYS A 131 10.04 20.67 -21.37
N PRO A 132 10.14 21.92 -21.85
CA PRO A 132 10.45 22.15 -23.25
C PRO A 132 11.80 21.60 -23.73
N LEU A 133 12.74 21.40 -22.82
CA LEU A 133 14.05 20.89 -23.19
C LEU A 133 14.17 19.38 -23.05
N LEU A 134 13.12 18.75 -22.54
CA LEU A 134 13.11 17.30 -22.33
C LEU A 134 12.82 16.51 -23.60
N ASN A 135 13.74 15.63 -23.95
CA ASN A 135 13.57 14.79 -25.14
C ASN A 135 12.59 13.69 -24.82
N ASN A 136 12.18 12.96 -25.84
CA ASN A 136 11.28 11.85 -25.62
C ASN A 136 12.05 10.81 -24.83
N GLY A 137 11.34 9.92 -24.13
CA GLY A 137 12.02 8.92 -23.33
C GLY A 137 12.78 9.48 -22.13
N ALA A 138 12.70 10.79 -21.92
CA ALA A 138 13.38 11.42 -20.80
C ALA A 138 12.88 10.85 -19.48
N SER A 139 13.75 10.88 -18.47
CA SER A 139 13.41 10.35 -17.16
C SER A 139 13.69 11.32 -16.01
N VAL A 140 12.68 11.56 -15.19
CA VAL A 140 12.79 12.45 -14.04
C VAL A 140 12.80 11.61 -12.76
N LEU A 141 13.83 11.77 -11.93
CA LEU A 141 13.93 11.00 -10.71
C LEU A 141 14.07 11.89 -9.48
N THR A 142 13.38 11.52 -8.41
CA THR A 142 13.46 12.27 -7.16
C THR A 142 13.72 11.24 -6.06
N LEU A 143 14.04 11.70 -4.86
CA LEU A 143 14.33 10.79 -3.74
C LEU A 143 13.33 10.92 -2.61
N SER A 144 12.95 9.78 -2.04
CA SER A 144 12.00 9.76 -0.96
C SER A 144 12.54 8.88 0.15
N TYR A 145 11.71 8.69 1.16
CA TYR A 145 12.06 7.88 2.32
C TYR A 145 10.79 7.22 2.85
N LEU A 146 10.94 6.07 3.51
CA LEU A 146 9.83 5.32 4.07
C LEU A 146 8.96 6.19 4.98
N GLY A 147 9.54 7.29 5.47
CA GLY A 147 8.82 8.16 6.38
C GLY A 147 7.59 8.81 5.78
N SER A 148 7.38 8.59 4.49
CA SER A 148 6.22 9.14 3.78
C SER A 148 4.95 8.34 4.06
N THR A 149 5.12 7.03 4.16
CA THR A 149 3.97 6.18 4.36
C THR A 149 4.00 5.45 5.70
N LYS A 150 5.11 5.58 6.41
CA LYS A 150 5.25 4.96 7.73
C LYS A 150 5.86 5.95 8.70
N TYR A 151 5.59 5.76 9.98
CA TYR A 151 6.16 6.62 10.99
C TYR A 151 7.62 6.26 11.21
N MET A 152 8.48 7.28 11.14
CA MET A 152 9.90 7.12 11.38
C MET A 152 10.28 8.22 12.35
N ALA A 153 11.03 7.85 13.38
CA ALA A 153 11.47 8.75 14.45
C ALA A 153 11.73 10.21 14.13
N HIS A 154 10.82 11.07 14.58
CA HIS A 154 10.90 12.52 14.41
C HIS A 154 11.09 13.04 12.99
N TYR A 155 10.77 12.21 12.01
CA TYR A 155 10.75 12.63 10.61
C TYR A 155 9.67 13.67 10.36
N ASN A 156 8.58 13.59 11.12
CA ASN A 156 7.62 14.68 11.21
C ASN A 156 7.30 15.28 9.85
N VAL A 157 7.54 16.58 9.71
CA VAL A 157 7.03 17.33 8.58
C VAL A 157 7.60 16.82 7.26
N MET A 158 8.83 16.30 7.31
CA MET A 158 9.50 15.79 6.13
C MET A 158 8.76 14.54 5.69
N GLY A 159 8.03 13.94 6.61
CA GLY A 159 7.26 12.75 6.30
C GLY A 159 6.08 13.15 5.44
N LEU A 160 5.44 14.26 5.83
CA LEU A 160 4.30 14.79 5.08
C LEU A 160 4.81 15.21 3.71
N ALA A 161 5.96 15.86 3.68
CA ALA A 161 6.56 16.32 2.44
C ALA A 161 6.78 15.17 1.45
N LYS A 162 7.45 14.13 1.92
CA LYS A 162 7.74 12.98 1.07
C LYS A 162 6.46 12.25 0.60
N ALA A 163 5.43 12.24 1.44
CA ALA A 163 4.19 11.61 1.03
C ALA A 163 3.66 12.40 -0.17
N ALA A 164 3.68 13.72 -0.06
CA ALA A 164 3.22 14.60 -1.13
C ALA A 164 4.09 14.45 -2.36
N LEU A 165 5.39 14.28 -2.12
CA LEU A 165 6.34 14.12 -3.21
C LEU A 165 6.04 12.87 -4.04
N GLU A 166 5.78 11.75 -3.37
CA GLU A 166 5.49 10.53 -4.09
C GLU A 166 4.16 10.67 -4.82
N SER A 167 3.25 11.46 -4.27
CA SER A 167 1.97 11.66 -4.90
C SER A 167 2.22 12.50 -6.14
N ALA A 168 3.15 13.45 -6.04
CA ALA A 168 3.51 14.32 -7.16
C ALA A 168 4.12 13.49 -8.28
N VAL A 169 4.93 12.49 -7.91
CA VAL A 169 5.56 11.61 -8.88
C VAL A 169 4.50 10.88 -9.71
N ARG A 170 3.38 10.57 -9.07
CA ARG A 170 2.31 9.89 -9.77
C ARG A 170 1.61 10.86 -10.74
N TYR A 171 1.24 12.05 -10.26
CA TYR A 171 0.56 13.00 -11.13
C TYR A 171 1.47 13.51 -12.25
N LEU A 172 2.75 13.71 -11.95
CA LEU A 172 3.65 14.19 -12.98
C LEU A 172 3.86 13.11 -14.04
N ALA A 173 3.80 11.85 -13.62
CA ALA A 173 3.99 10.74 -14.54
C ALA A 173 2.84 10.69 -15.56
N VAL A 174 1.64 11.01 -15.10
CA VAL A 174 0.49 11.02 -15.98
C VAL A 174 0.53 12.26 -16.89
N ASP A 175 0.95 13.41 -16.35
CA ASP A 175 1.06 14.64 -17.11
C ASP A 175 2.11 14.53 -18.21
N LEU A 176 3.29 14.04 -17.84
CA LEU A 176 4.42 13.90 -18.76
C LEU A 176 4.51 12.58 -19.54
N GLY A 177 3.74 11.58 -19.12
CA GLY A 177 3.78 10.30 -19.79
C GLY A 177 3.31 10.36 -21.23
N LYS A 178 2.39 11.29 -21.48
CA LYS A 178 1.84 11.48 -22.82
C LYS A 178 2.96 11.85 -23.78
N HIS A 179 3.97 12.52 -23.25
CA HIS A 179 5.11 12.95 -24.05
C HIS A 179 6.25 11.94 -23.95
N HIS A 180 5.91 10.73 -23.50
CA HIS A 180 6.88 9.65 -23.37
C HIS A 180 7.98 9.92 -22.36
N ILE A 181 7.69 10.76 -21.38
CA ILE A 181 8.66 11.08 -20.34
C ILE A 181 8.30 10.31 -19.08
N ARG A 182 9.32 9.82 -18.38
CA ARG A 182 9.06 9.06 -17.17
C ARG A 182 9.38 9.82 -15.88
N VAL A 183 8.67 9.47 -14.81
CA VAL A 183 8.89 10.10 -13.52
C VAL A 183 8.80 9.04 -12.43
N ASN A 184 9.83 8.96 -11.58
CA ASN A 184 9.82 7.98 -10.49
C ASN A 184 10.44 8.58 -9.24
N ALA A 185 10.45 7.80 -8.17
CA ALA A 185 11.05 8.22 -6.92
C ALA A 185 11.85 7.06 -6.39
N LEU A 186 13.06 7.35 -5.95
CA LEU A 186 13.92 6.33 -5.38
C LEU A 186 13.81 6.56 -3.88
N SER A 187 13.33 5.54 -3.17
CA SER A 187 13.17 5.60 -1.73
C SER A 187 14.41 4.91 -1.14
N ALA A 188 15.43 5.69 -0.83
CA ALA A 188 16.67 5.14 -0.31
C ALA A 188 16.58 4.87 1.18
N GLY A 189 17.41 3.94 1.64
CA GLY A 189 17.47 3.61 3.05
C GLY A 189 18.31 4.70 3.71
N PRO A 190 18.35 4.75 5.05
CA PRO A 190 19.15 5.77 5.73
C PRO A 190 20.60 5.66 5.31
N ILE A 191 21.23 6.81 5.05
CA ILE A 191 22.63 6.84 4.66
C ILE A 191 23.28 8.17 5.04
N ARG A 192 24.51 8.11 5.52
CA ARG A 192 25.27 9.28 5.96
C ARG A 192 25.55 10.31 4.88
N THR A 193 24.92 11.48 5.01
CA THR A 193 25.11 12.57 4.06
C THR A 193 25.12 13.87 4.88
N LEU A 194 25.48 14.97 4.24
CA LEU A 194 25.53 16.24 4.95
C LEU A 194 24.20 16.53 5.65
N ALA A 195 23.09 16.25 4.97
CA ALA A 195 21.77 16.49 5.54
C ALA A 195 21.46 15.52 6.67
N SER A 196 21.76 14.25 6.46
CA SER A 196 21.52 13.22 7.47
C SER A 196 22.33 13.45 8.73
N SER A 197 23.55 13.95 8.57
CA SER A 197 24.41 14.19 9.72
C SER A 197 23.82 15.31 10.59
N GLY A 198 22.89 16.08 10.01
CA GLY A 198 22.26 17.16 10.74
C GLY A 198 21.06 16.69 11.54
N ILE A 199 20.65 15.44 11.33
CA ILE A 199 19.49 14.90 12.05
C ILE A 199 19.85 14.21 13.37
N ALA A 200 19.01 14.44 14.36
CA ALA A 200 19.20 13.88 15.69
C ALA A 200 19.16 12.37 15.71
N ASP A 201 20.03 11.78 16.54
CA ASP A 201 20.15 10.33 16.71
C ASP A 201 20.10 9.51 15.43
N PHE A 202 20.55 10.11 14.34
CA PHE A 202 20.54 9.43 13.05
C PHE A 202 21.39 8.16 13.09
N ARG A 203 22.40 8.13 13.97
CA ARG A 203 23.25 6.97 14.11
C ARG A 203 22.38 5.79 14.55
N MET A 204 21.33 6.11 15.29
CA MET A 204 20.42 5.12 15.83
C MET A 204 19.46 4.60 14.76
N ILE A 205 18.91 5.52 13.97
CA ILE A 205 18.01 5.15 12.89
C ILE A 205 18.79 4.28 11.92
N LEU A 206 20.06 4.66 11.75
CA LEU A 206 20.99 3.97 10.88
C LEU A 206 21.28 2.58 11.45
N LYS A 207 21.60 2.53 12.75
CA LYS A 207 21.90 1.27 13.41
C LYS A 207 20.71 0.35 13.33
N TRP A 208 19.53 0.92 13.54
CA TRP A 208 18.30 0.14 13.54
C TRP A 208 18.00 -0.47 12.18
N ASN A 209 18.31 0.27 11.12
CA ASN A 209 18.09 -0.25 9.79
C ASN A 209 19.10 -1.35 9.52
N GLU A 210 20.35 -1.11 9.91
CA GLU A 210 21.42 -2.08 9.69
C GLU A 210 21.10 -3.47 10.27
N ILE A 211 20.62 -3.50 11.51
CA ILE A 211 20.31 -4.77 12.18
C ILE A 211 18.98 -5.41 11.83
N ASN A 212 17.97 -4.60 11.55
CA ASN A 212 16.66 -5.12 11.23
C ASN A 212 16.38 -5.33 9.75
N ALA A 213 17.20 -4.76 8.88
CA ALA A 213 17.00 -4.92 7.43
C ALA A 213 17.29 -6.38 7.07
N PRO A 214 16.56 -6.94 6.09
CA PRO A 214 16.79 -8.33 5.69
C PRO A 214 18.22 -8.64 5.25
N LEU A 215 18.85 -7.72 4.53
CA LEU A 215 20.23 -7.93 4.06
C LEU A 215 21.23 -7.57 5.15
N ARG A 216 20.71 -7.31 6.34
CA ARG A 216 21.52 -6.96 7.50
C ARG A 216 22.70 -6.06 7.20
N LYS A 217 22.42 -4.85 6.76
CA LYS A 217 23.45 -3.87 6.46
C LYS A 217 22.79 -2.61 5.94
N ASN A 218 23.53 -1.50 5.97
CA ASN A 218 23.04 -0.24 5.45
C ASN A 218 23.36 -0.22 3.95
N VAL A 219 22.58 0.53 3.17
CA VAL A 219 22.83 0.59 1.74
C VAL A 219 24.02 1.50 1.50
N SER A 220 24.80 1.20 0.47
CA SER A 220 25.96 2.00 0.12
C SER A 220 25.54 3.08 -0.86
N LEU A 221 26.34 4.15 -0.93
CA LEU A 221 26.05 5.23 -1.85
C LEU A 221 26.02 4.70 -3.30
N GLU A 222 26.89 3.75 -3.59
CA GLU A 222 26.96 3.16 -4.92
C GLU A 222 25.66 2.40 -5.26
N GLU A 223 25.13 1.68 -4.28
CA GLU A 223 23.89 0.94 -4.50
C GLU A 223 22.77 1.92 -4.84
N VAL A 224 22.66 3.02 -4.08
CA VAL A 224 21.64 4.01 -4.34
C VAL A 224 21.89 4.65 -5.70
N GLY A 225 23.17 4.92 -6.00
CA GLY A 225 23.52 5.52 -7.27
C GLY A 225 23.13 4.63 -8.43
N ASN A 226 23.46 3.34 -8.31
CA ASN A 226 23.12 2.38 -9.37
C ASN A 226 21.61 2.28 -9.60
N ALA A 227 20.86 2.23 -8.51
CA ALA A 227 19.40 2.18 -8.56
C ALA A 227 18.87 3.42 -9.29
N GLY A 228 19.45 4.58 -8.98
CA GLY A 228 19.03 5.80 -9.63
C GLY A 228 19.33 5.75 -11.12
N MET A 229 20.56 5.40 -11.46
CA MET A 229 20.99 5.30 -12.85
C MET A 229 20.01 4.43 -13.64
N TYR A 230 19.64 3.29 -13.06
CA TYR A 230 18.70 2.39 -13.69
C TYR A 230 17.41 3.12 -14.03
N LEU A 231 16.79 3.70 -13.00
CA LEU A 231 15.57 4.46 -13.14
C LEU A 231 15.68 5.55 -14.20
N LEU A 232 16.86 6.14 -14.32
CA LEU A 232 17.11 7.20 -15.30
C LEU A 232 17.43 6.69 -16.71
N SER A 233 17.89 5.43 -16.82
CA SER A 233 18.23 4.89 -18.14
C SER A 233 17.07 4.21 -18.87
N SER A 234 17.33 3.79 -20.09
CA SER A 234 16.32 3.15 -20.93
C SER A 234 16.02 1.73 -20.44
N LEU A 235 16.87 1.25 -19.55
CA LEU A 235 16.71 -0.07 -18.95
C LEU A 235 15.36 -0.11 -18.25
N SER A 236 14.91 1.05 -17.79
CA SER A 236 13.64 1.13 -17.09
C SER A 236 12.56 1.88 -17.86
N SER A 237 12.71 1.94 -19.18
CA SER A 237 11.73 2.63 -20.03
C SER A 237 10.28 2.17 -19.83
N GLY A 238 10.10 1.01 -19.20
CA GLY A 238 8.74 0.54 -18.94
C GLY A 238 8.25 0.89 -17.55
N VAL A 239 9.09 1.61 -16.80
CA VAL A 239 8.81 2.01 -15.42
C VAL A 239 8.52 3.49 -15.19
N SER A 240 7.36 3.78 -14.59
CA SER A 240 7.03 5.17 -14.30
C SER A 240 6.03 5.26 -13.16
N GLY A 241 6.10 6.35 -12.41
CA GLY A 241 5.19 6.55 -11.30
C GLY A 241 5.49 5.58 -10.17
N GLU A 242 6.68 5.01 -10.21
CA GLU A 242 7.05 4.04 -9.20
C GLU A 242 7.94 4.60 -8.08
N VAL A 243 7.75 4.08 -6.88
CA VAL A 243 8.56 4.47 -5.73
C VAL A 243 9.42 3.24 -5.51
N HIS A 244 10.67 3.33 -5.96
CA HIS A 244 11.61 2.21 -5.89
C HIS A 244 12.42 2.21 -4.58
N PHE A 245 12.31 1.11 -3.82
CA PHE A 245 13.01 0.98 -2.56
C PHE A 245 14.41 0.42 -2.68
N VAL A 246 15.38 1.16 -2.15
CA VAL A 246 16.79 0.76 -2.15
C VAL A 246 17.17 0.95 -0.70
N ASP A 247 16.76 0.01 0.13
CA ASP A 247 16.98 0.09 1.57
C ASP A 247 17.35 -1.28 2.16
N ALA A 248 18.05 -2.10 1.39
CA ALA A 248 18.44 -3.42 1.89
C ALA A 248 17.19 -4.18 2.34
N GLY A 249 16.06 -3.86 1.70
CA GLY A 249 14.80 -4.54 2.01
C GLY A 249 14.13 -4.19 3.33
N TYR A 250 14.63 -3.16 3.99
CA TYR A 250 14.04 -2.78 5.26
C TYR A 250 12.52 -2.57 5.22
N HIS A 251 12.01 -1.95 4.16
CA HIS A 251 10.59 -1.68 4.03
C HIS A 251 9.65 -2.88 4.25
N VAL A 252 10.14 -4.10 4.06
CA VAL A 252 9.28 -5.27 4.25
C VAL A 252 9.08 -5.68 5.73
N MET A 253 9.88 -5.12 6.64
CA MET A 253 9.78 -5.49 8.05
C MET A 253 8.53 -4.98 8.76
N GLY A 254 7.78 -5.90 9.37
CA GLY A 254 6.57 -5.51 10.08
C GLY A 254 6.85 -5.39 11.57
N MET A 255 8.10 -5.63 11.94
CA MET A 255 8.53 -5.57 13.32
C MET A 255 10.04 -5.79 13.34
N GLY A 256 10.63 -5.76 14.54
CA GLY A 256 12.07 -5.97 14.65
C GLY A 256 12.43 -7.38 14.25
N ALA A 257 13.59 -7.54 13.64
CA ALA A 257 14.08 -8.84 13.21
C ALA A 257 14.41 -9.75 14.40
N VAL A 258 14.38 -11.06 14.16
CA VAL A 258 14.70 -12.06 15.18
C VAL A 258 15.16 -13.31 14.45
N GLU A 259 14.68 -13.48 13.23
CA GLU A 259 14.95 -14.62 12.37
C GLU A 259 16.16 -15.53 12.62
N GLU A 260 17.36 -14.97 12.75
CA GLU A 260 18.54 -15.79 12.97
C GLU A 260 18.40 -16.70 14.20
N LYS A 261 18.26 -16.12 15.39
CA LYS A 261 18.13 -16.89 16.62
C LYS A 261 16.69 -17.29 16.91
N ASP A 262 16.46 -18.61 17.08
CA ASP A 262 15.14 -19.14 17.33
C ASP A 262 14.93 -19.99 18.58
N ASN A 263 15.95 -20.10 19.44
CA ASN A 263 15.83 -20.88 20.67
C ASN A 263 14.48 -20.51 21.28
N LYS A 264 14.38 -19.23 21.65
CA LYS A 264 13.20 -18.61 22.24
C LYS A 264 12.86 -17.47 21.28
N ALA A 265 13.73 -17.30 20.29
CA ALA A 265 13.59 -16.22 19.30
C ALA A 265 13.79 -14.92 20.07
N THR A 266 14.88 -14.24 19.77
CA THR A 266 15.19 -13.00 20.45
C THR A 266 15.40 -11.91 19.42
N LEU A 267 15.03 -10.68 19.77
CA LEU A 267 15.19 -9.56 18.85
C LEU A 267 16.67 -9.37 18.53
N LEU A 268 17.01 -9.37 17.25
CA LEU A 268 18.39 -9.17 16.84
C LEU A 268 18.90 -7.90 17.47
N TRP A 269 17.99 -6.98 17.79
CA TRP A 269 18.40 -5.72 18.40
C TRP A 269 18.84 -5.93 19.83
N ASP A 270 18.23 -6.88 20.53
CA ASP A 270 18.60 -7.16 21.92
C ASP A 270 19.92 -7.91 21.99
N LEU A 271 20.36 -8.42 20.85
CA LEU A 271 21.62 -9.16 20.79
C LEU A 271 22.78 -8.30 20.29
N HIS A 272 22.54 -7.54 19.23
CA HIS A 272 23.55 -6.67 18.62
C HIS A 272 23.21 -5.20 18.84
N LYS A 273 24.21 -4.32 18.79
CA LYS A 273 23.97 -2.89 19.00
C LYS A 273 22.91 -2.69 20.06
N GLU A 274 23.17 -3.32 21.22
CA GLU A 274 22.30 -3.30 22.39
C GLU A 274 22.57 -4.63 23.10
N GLN A 275 22.75 -4.58 24.41
CA GLN A 275 22.98 -5.78 25.22
C GLN A 275 22.61 -5.58 26.69
N GLY B 2 -26.68 6.19 23.20
CA GLY B 2 -25.84 6.08 21.98
C GLY B 2 -24.37 5.89 22.28
N PHE B 3 -23.57 5.69 21.24
CA PHE B 3 -22.14 5.47 21.40
C PHE B 3 -21.33 6.73 21.70
N LEU B 4 -21.96 7.89 21.55
CA LEU B 4 -21.30 9.16 21.83
C LEU B 4 -22.01 9.91 22.95
N LYS B 5 -22.89 9.20 23.67
CA LYS B 5 -23.62 9.82 24.77
C LYS B 5 -22.62 10.40 25.76
N GLY B 6 -22.80 11.67 26.09
CA GLY B 6 -21.91 12.33 27.04
C GLY B 6 -20.64 12.83 26.39
N LYS B 7 -20.39 12.42 25.15
CA LYS B 7 -19.17 12.86 24.47
C LYS B 7 -19.33 14.24 23.83
N LYS B 8 -18.26 15.02 23.88
CA LYS B 8 -18.24 16.38 23.31
C LYS B 8 -17.29 16.46 22.12
N GLY B 9 -17.80 16.96 20.99
CA GLY B 9 -16.96 17.06 19.81
C GLY B 9 -17.09 18.35 19.04
N LEU B 10 -15.98 18.78 18.44
CA LEU B 10 -15.96 19.98 17.65
C LEU B 10 -16.07 19.62 16.17
N ILE B 11 -17.03 20.22 15.47
CA ILE B 11 -17.20 19.95 14.05
C ILE B 11 -16.69 21.15 13.25
N VAL B 12 -15.65 20.92 12.46
CA VAL B 12 -15.06 21.97 11.62
C VAL B 12 -15.18 21.55 10.16
N GLY B 13 -15.94 22.34 9.37
CA GLY B 13 -16.08 22.00 7.97
C GLY B 13 -17.47 22.09 7.37
N VAL B 14 -18.48 22.39 8.18
CA VAL B 14 -19.84 22.49 7.69
C VAL B 14 -20.08 23.75 6.87
N ALA B 15 -20.62 23.57 5.66
CA ALA B 15 -20.93 24.68 4.76
C ALA B 15 -22.42 24.71 4.49
N ASN B 16 -23.05 23.54 4.56
CA ASN B 16 -24.48 23.40 4.33
C ASN B 16 -24.91 21.97 4.67
N ASN B 17 -26.20 21.70 4.52
CA ASN B 17 -26.75 20.38 4.85
C ASN B 17 -26.22 19.23 3.99
N LYS B 18 -25.34 19.52 3.06
CA LYS B 18 -24.78 18.48 2.21
C LYS B 18 -23.32 18.21 2.52
N SER B 19 -22.76 19.04 3.38
CA SER B 19 -21.36 18.89 3.78
C SER B 19 -21.10 17.55 4.47
N ILE B 20 -19.98 16.93 4.13
CA ILE B 20 -19.57 15.68 4.74
C ILE B 20 -19.52 15.87 6.25
N ALA B 21 -19.10 17.06 6.68
CA ALA B 21 -19.02 17.36 8.11
C ALA B 21 -20.40 17.29 8.74
N TYR B 22 -21.41 17.67 7.97
CA TYR B 22 -22.79 17.64 8.46
C TYR B 22 -23.27 16.20 8.57
N GLY B 23 -22.93 15.38 7.58
CA GLY B 23 -23.33 13.98 7.62
C GLY B 23 -22.78 13.34 8.87
N ILE B 24 -21.53 13.63 9.17
CA ILE B 24 -20.89 13.09 10.36
C ILE B 24 -21.51 13.67 11.63
N ALA B 25 -21.73 14.98 11.64
CA ALA B 25 -22.33 15.64 12.80
C ALA B 25 -23.71 15.03 13.05
N GLN B 26 -24.46 14.84 11.97
CA GLN B 26 -25.80 14.26 12.03
C GLN B 26 -25.76 12.88 12.68
N SER B 27 -24.88 12.02 12.19
CA SER B 27 -24.75 10.68 12.74
C SER B 27 -24.25 10.69 14.18
N CYS B 28 -23.32 11.60 14.48
CA CYS B 28 -22.79 11.70 15.83
C CYS B 28 -23.87 12.20 16.78
N PHE B 29 -24.77 13.01 16.24
CA PHE B 29 -25.86 13.56 17.03
C PHE B 29 -26.87 12.47 17.38
N ASN B 30 -27.16 11.61 16.42
CA ASN B 30 -28.10 10.53 16.67
C ASN B 30 -27.54 9.56 17.70
N GLN B 31 -26.26 9.74 18.07
CA GLN B 31 -25.61 8.89 19.05
C GLN B 31 -25.42 9.58 20.39
N GLY B 32 -26.09 10.70 20.58
CA GLY B 32 -26.02 11.42 21.86
C GLY B 32 -24.91 12.44 22.08
N ALA B 33 -24.11 12.68 21.05
CA ALA B 33 -23.01 13.63 21.15
C ALA B 33 -23.44 15.08 21.36
N THR B 34 -22.65 15.78 22.16
CA THR B 34 -22.86 17.20 22.40
C THR B 34 -21.94 17.81 21.35
N LEU B 35 -22.50 18.60 20.44
CA LEU B 35 -21.71 19.19 19.36
C LEU B 35 -21.51 20.70 19.42
N ALA B 36 -20.44 21.14 18.79
CA ALA B 36 -20.09 22.54 18.67
C ALA B 36 -19.62 22.63 17.22
N PHE B 37 -19.92 23.73 16.54
CA PHE B 37 -19.54 23.92 15.14
C PHE B 37 -18.75 25.20 14.90
N THR B 38 -18.01 25.24 13.81
CA THR B 38 -17.26 26.44 13.42
C THR B 38 -17.62 26.77 11.98
N TYR B 39 -17.47 28.04 11.60
CA TYR B 39 -17.77 28.47 10.24
C TYR B 39 -16.67 29.39 9.71
N LEU B 40 -16.40 29.32 8.42
CA LEU B 40 -15.36 30.13 7.80
C LEU B 40 -15.62 31.63 7.89
N ASN B 41 -16.83 32.03 7.51
CA ASN B 41 -17.22 33.44 7.55
C ASN B 41 -18.70 33.63 7.83
N GLU B 42 -19.15 34.89 7.82
CA GLU B 42 -20.55 35.18 8.10
C GLU B 42 -21.55 34.68 7.07
N SER B 43 -21.07 34.41 5.86
CA SER B 43 -21.98 33.91 4.84
C SER B 43 -22.27 32.43 5.11
N LEU B 44 -21.22 31.68 5.46
CA LEU B 44 -21.37 30.27 5.77
C LEU B 44 -22.14 30.12 7.07
N GLU B 45 -21.92 31.05 7.99
CA GLU B 45 -22.61 31.02 9.28
C GLU B 45 -24.11 31.01 9.05
N LYS B 46 -24.54 31.59 7.95
CA LYS B 46 -25.97 31.63 7.67
C LYS B 46 -26.51 30.21 7.53
N ARG B 47 -25.66 29.26 7.15
CA ARG B 47 -26.10 27.87 7.02
C ARG B 47 -25.69 27.04 8.22
N VAL B 48 -24.55 27.35 8.81
CA VAL B 48 -24.07 26.60 9.97
C VAL B 48 -24.98 26.74 11.19
N ARG B 49 -25.38 27.96 11.52
CA ARG B 49 -26.24 28.17 12.69
C ARG B 49 -27.51 27.34 12.68
N PRO B 50 -28.37 27.51 11.67
CA PRO B 50 -29.58 26.70 11.67
C PRO B 50 -29.26 25.21 11.84
N ILE B 51 -28.26 24.74 11.10
CA ILE B 51 -27.84 23.35 11.18
C ILE B 51 -27.47 22.99 12.62
N ALA B 52 -26.73 23.88 13.26
CA ALA B 52 -26.33 23.66 14.65
C ALA B 52 -27.55 23.54 15.57
N GLN B 53 -28.51 24.46 15.41
CA GLN B 53 -29.70 24.43 16.24
C GLN B 53 -30.43 23.11 15.98
N GLU B 54 -30.53 22.74 14.71
CA GLU B 54 -31.17 21.50 14.32
C GLU B 54 -30.54 20.32 15.06
N LEU B 55 -29.25 20.42 15.34
CA LEU B 55 -28.53 19.36 16.07
C LEU B 55 -28.33 19.72 17.53
N ASN B 56 -29.31 20.43 18.10
CA ASN B 56 -29.30 20.82 19.50
C ASN B 56 -27.98 21.44 19.96
N SER B 57 -27.40 22.31 19.14
CA SER B 57 -26.15 22.94 19.51
C SER B 57 -26.17 24.46 19.44
N PRO B 58 -25.83 25.12 20.56
CA PRO B 58 -25.79 26.59 20.63
C PRO B 58 -24.35 27.09 20.52
N TYR B 59 -23.41 26.15 20.37
CA TYR B 59 -22.00 26.47 20.27
C TYR B 59 -21.56 26.59 18.83
N VAL B 60 -21.50 27.82 18.33
CA VAL B 60 -21.10 28.08 16.97
C VAL B 60 -20.00 29.12 16.99
N TYR B 61 -18.82 28.75 16.50
CA TYR B 61 -17.67 29.65 16.49
C TYR B 61 -17.10 29.91 15.11
N GLU B 62 -16.51 31.09 14.96
CA GLU B 62 -15.89 31.45 13.69
C GLU B 62 -14.52 30.80 13.62
N LEU B 63 -14.16 30.32 12.44
CA LEU B 63 -12.86 29.71 12.27
C LEU B 63 -12.42 29.57 10.82
N ASP B 64 -11.50 30.46 10.43
CA ASP B 64 -10.89 30.46 9.11
C ASP B 64 -9.47 29.98 9.43
N VAL B 65 -9.17 28.74 9.08
CA VAL B 65 -7.87 28.13 9.38
C VAL B 65 -6.62 28.89 8.92
N SER B 66 -6.82 29.98 8.18
CA SER B 66 -5.69 30.78 7.71
C SER B 66 -5.40 31.94 8.67
N LYS B 67 -6.26 32.12 9.66
CA LYS B 67 -6.09 33.17 10.65
C LYS B 67 -5.77 32.54 12.01
N GLU B 68 -4.49 32.57 12.38
CA GLU B 68 -4.06 31.98 13.65
C GLU B 68 -4.80 32.51 14.87
N GLU B 69 -5.15 33.80 14.88
CA GLU B 69 -5.85 34.37 16.02
C GLU B 69 -7.19 33.67 16.26
N HIS B 70 -7.80 33.14 15.20
CA HIS B 70 -9.09 32.45 15.37
C HIS B 70 -8.92 31.22 16.22
N PHE B 71 -7.77 30.57 16.09
CA PHE B 71 -7.47 29.38 16.86
C PHE B 71 -7.41 29.71 18.35
N LYS B 72 -6.88 30.89 18.68
CA LYS B 72 -6.77 31.36 20.05
C LYS B 72 -8.16 31.48 20.65
N SER B 73 -9.01 32.21 19.94
CA SER B 73 -10.38 32.43 20.37
C SER B 73 -11.10 31.09 20.50
N LEU B 74 -10.89 30.20 19.52
CA LEU B 74 -11.52 28.87 19.54
C LEU B 74 -11.18 28.14 20.83
N TYR B 75 -9.90 28.11 21.17
CA TYR B 75 -9.47 27.45 22.40
C TYR B 75 -10.29 27.98 23.57
N ASN B 76 -10.22 29.29 23.78
CA ASN B 76 -10.95 29.95 24.86
C ASN B 76 -12.45 29.66 24.79
N SER B 77 -12.99 29.63 23.58
CA SER B 77 -14.42 29.39 23.38
C SER B 77 -14.91 28.01 23.83
N VAL B 78 -14.29 26.96 23.30
CA VAL B 78 -14.71 25.63 23.69
C VAL B 78 -14.34 25.35 25.15
N LYS B 79 -13.26 25.97 25.62
CA LYS B 79 -12.85 25.76 27.00
C LYS B 79 -13.87 26.36 27.96
N LYS B 80 -14.48 27.47 27.55
CA LYS B 80 -15.46 28.13 28.39
C LYS B 80 -16.83 27.47 28.25
N ASP B 81 -17.25 27.21 27.01
CA ASP B 81 -18.56 26.60 26.77
C ASP B 81 -18.66 25.11 27.05
N LEU B 82 -17.65 24.36 26.60
CA LEU B 82 -17.63 22.91 26.74
C LEU B 82 -16.64 22.38 27.76
N GLY B 83 -15.61 23.16 28.08
CA GLY B 83 -14.63 22.70 29.05
C GLY B 83 -13.63 21.69 28.52
N SER B 84 -14.09 20.70 27.75
CA SER B 84 -13.21 19.68 27.19
C SER B 84 -13.84 19.00 25.97
N LEU B 85 -13.01 18.39 25.14
CA LEU B 85 -13.47 17.71 23.93
C LEU B 85 -13.12 16.22 23.88
N ASP B 86 -14.04 15.42 23.35
CA ASP B 86 -13.82 13.98 23.22
C ASP B 86 -13.52 13.61 21.76
N PHE B 87 -13.84 14.51 20.84
CA PHE B 87 -13.55 14.26 19.43
C PHE B 87 -13.56 15.51 18.58
N ILE B 88 -12.73 15.49 17.54
CA ILE B 88 -12.60 16.61 16.61
C ILE B 88 -12.82 16.13 15.17
N VAL B 89 -13.66 16.82 14.43
CA VAL B 89 -13.88 16.49 13.03
C VAL B 89 -13.20 17.59 12.21
N HIS B 90 -12.26 17.19 11.36
CA HIS B 90 -11.54 18.14 10.52
C HIS B 90 -11.91 17.88 9.08
N SER B 91 -12.92 18.59 8.59
CA SER B 91 -13.41 18.39 7.22
C SER B 91 -13.25 19.67 6.43
N VAL B 92 -12.00 20.05 6.19
CA VAL B 92 -11.69 21.27 5.48
C VAL B 92 -10.60 21.10 4.45
N ALA B 93 -10.74 21.77 3.30
CA ALA B 93 -9.76 21.70 2.24
C ALA B 93 -10.02 22.80 1.21
N PHE B 94 -8.97 23.31 0.61
CA PHE B 94 -9.12 24.35 -0.40
C PHE B 94 -7.89 24.49 -1.29
N ALA B 95 -8.14 24.83 -2.55
CA ALA B 95 -7.10 25.06 -3.52
C ALA B 95 -7.76 25.94 -4.56
N PRO B 96 -6.99 26.84 -5.20
CA PRO B 96 -7.61 27.69 -6.22
C PRO B 96 -8.24 26.84 -7.32
N LYS B 97 -9.32 27.35 -7.91
CA LYS B 97 -10.04 26.66 -8.98
C LYS B 97 -9.14 26.20 -10.13
N GLU B 98 -8.15 27.03 -10.47
CA GLU B 98 -7.23 26.71 -11.56
C GLU B 98 -6.41 25.46 -11.28
N ALA B 99 -6.00 25.31 -10.02
CA ALA B 99 -5.18 24.17 -9.64
C ALA B 99 -5.84 22.85 -9.95
N LEU B 100 -7.15 22.78 -9.72
CA LEU B 100 -7.91 21.55 -9.96
C LEU B 100 -8.24 21.25 -11.41
N GLU B 101 -7.69 22.01 -12.33
CA GLU B 101 -7.91 21.75 -13.74
C GLU B 101 -6.53 21.83 -14.38
N GLY B 102 -6.39 21.29 -15.57
CA GLY B 102 -5.09 21.31 -16.22
C GLY B 102 -4.19 20.27 -15.57
N SER B 103 -2.89 20.49 -15.61
CA SER B 103 -1.95 19.55 -15.02
C SER B 103 -1.31 20.06 -13.74
N LEU B 104 -0.68 19.15 -12.99
CA LEU B 104 0.01 19.50 -11.75
C LEU B 104 1.17 20.43 -12.10
N LEU B 105 1.76 20.22 -13.29
CA LEU B 105 2.88 21.02 -13.77
C LEU B 105 2.65 22.52 -13.81
N GLU B 106 1.41 22.93 -14.12
CA GLU B 106 1.06 24.34 -14.22
C GLU B 106 0.83 25.02 -12.86
N THR B 107 0.64 24.22 -11.81
CA THR B 107 0.40 24.74 -10.46
C THR B 107 1.39 25.83 -10.05
N SER B 108 0.91 26.93 -9.52
CA SER B 108 1.78 28.01 -9.07
C SER B 108 2.21 27.75 -7.63
N LYS B 109 3.28 28.41 -7.20
CA LYS B 109 3.77 28.25 -5.85
C LYS B 109 2.71 28.71 -4.85
N SER B 110 1.92 29.70 -5.25
CA SER B 110 0.89 30.23 -4.37
C SER B 110 -0.25 29.26 -4.16
N ALA B 111 -0.74 28.69 -5.25
CA ALA B 111 -1.83 27.73 -5.20
C ALA B 111 -1.41 26.51 -4.39
N PHE B 112 -0.14 26.12 -4.54
CA PHE B 112 0.44 24.98 -3.83
C PHE B 112 0.40 25.22 -2.32
N ASN B 113 0.94 26.35 -1.88
CA ASN B 113 0.97 26.68 -0.46
C ASN B 113 -0.43 26.80 0.11
N THR B 114 -1.35 27.37 -0.67
CA THR B 114 -2.72 27.53 -0.21
C THR B 114 -3.33 26.15 0.00
N ALA B 115 -3.13 25.26 -0.98
CA ALA B 115 -3.66 23.91 -0.88
C ALA B 115 -3.11 23.23 0.37
N MET B 116 -1.80 23.28 0.55
CA MET B 116 -1.17 22.62 1.69
C MET B 116 -1.55 23.19 3.06
N GLU B 117 -1.54 24.52 3.17
CA GLU B 117 -1.86 25.17 4.43
C GLU B 117 -3.30 24.97 4.91
N ILE B 118 -4.26 25.18 4.01
CA ILE B 118 -5.66 25.04 4.35
C ILE B 118 -6.07 23.57 4.50
N SER B 119 -5.56 22.71 3.63
CA SER B 119 -5.93 21.30 3.66
C SER B 119 -5.08 20.38 4.55
N VAL B 120 -3.84 20.77 4.84
CA VAL B 120 -2.99 19.93 5.65
C VAL B 120 -2.57 20.55 6.98
N TYR B 121 -1.84 21.66 6.92
CA TYR B 121 -1.36 22.29 8.15
C TYR B 121 -2.46 22.63 9.15
N SER B 122 -3.66 22.95 8.65
CA SER B 122 -4.75 23.30 9.54
C SER B 122 -5.10 22.16 10.51
N LEU B 123 -4.79 20.92 10.15
CA LEU B 123 -5.08 19.79 11.04
C LEU B 123 -4.09 19.80 12.20
N ILE B 124 -2.83 20.12 11.89
CA ILE B 124 -1.78 20.21 12.88
C ILE B 124 -2.13 21.32 13.88
N GLU B 125 -2.35 22.52 13.36
CA GLU B 125 -2.71 23.69 14.18
C GLU B 125 -4.00 23.48 14.97
N LEU B 126 -4.99 22.85 14.33
CA LEU B 126 -6.25 22.61 15.01
C LEU B 126 -6.04 21.64 16.17
N THR B 127 -5.27 20.58 15.92
CA THR B 127 -5.01 19.58 16.95
C THR B 127 -4.10 20.10 18.06
N ASN B 128 -3.01 20.75 17.68
CA ASN B 128 -2.08 21.29 18.66
C ASN B 128 -2.78 22.33 19.54
N THR B 129 -3.57 23.20 18.92
CA THR B 129 -4.29 24.23 19.65
C THR B 129 -5.24 23.68 20.70
N LEU B 130 -5.95 22.61 20.34
CA LEU B 130 -6.93 22.01 21.23
C LEU B 130 -6.42 20.83 22.06
N LYS B 131 -5.17 20.44 21.87
CA LYS B 131 -4.64 19.32 22.64
C LYS B 131 -4.91 19.37 24.15
N PRO B 132 -4.72 20.55 24.78
CA PRO B 132 -4.97 20.66 26.23
C PRO B 132 -6.40 20.35 26.65
N LEU B 133 -7.34 20.57 25.74
CA LEU B 133 -8.76 20.34 26.01
C LEU B 133 -9.24 18.95 25.64
N LEU B 134 -8.35 18.13 25.08
CA LEU B 134 -8.72 16.77 24.68
C LEU B 134 -8.67 15.78 25.84
N ASN B 135 -9.78 15.10 26.09
CA ASN B 135 -9.80 14.11 27.16
C ASN B 135 -9.09 12.87 26.66
N ASN B 136 -8.94 11.88 27.53
CA ASN B 136 -8.30 10.65 27.10
C ASN B 136 -9.33 9.96 26.25
N GLY B 137 -8.86 9.10 25.34
CA GLY B 137 -9.77 8.38 24.48
C GLY B 137 -10.34 9.23 23.37
N ALA B 138 -10.03 10.53 23.38
CA ALA B 138 -10.52 11.44 22.33
C ALA B 138 -10.11 10.95 20.94
N SER B 139 -10.88 11.34 19.94
CA SER B 139 -10.61 10.89 18.58
C SER B 139 -10.63 12.02 17.56
N VAL B 140 -9.57 12.12 16.78
CA VAL B 140 -9.45 13.17 15.76
C VAL B 140 -9.69 12.53 14.40
N LEU B 141 -10.61 13.10 13.63
CA LEU B 141 -10.94 12.57 12.31
C LEU B 141 -10.81 13.61 11.22
N THR B 142 -10.19 13.23 10.09
CA THR B 142 -10.04 14.14 8.96
C THR B 142 -10.53 13.36 7.72
N LEU B 143 -10.75 14.09 6.62
CA LEU B 143 -11.24 13.48 5.39
C LEU B 143 -10.21 13.46 4.28
N SER B 144 -10.14 12.35 3.57
CA SER B 144 -9.20 12.22 2.47
C SER B 144 -9.88 11.62 1.25
N TYR B 145 -9.09 11.38 0.20
CA TYR B 145 -9.61 10.83 -1.04
C TYR B 145 -8.55 9.99 -1.75
N LEU B 146 -8.99 8.98 -2.49
CA LEU B 146 -8.10 8.08 -3.22
C LEU B 146 -6.99 8.82 -3.97
N GLY B 147 -7.26 10.07 -4.34
CA GLY B 147 -6.30 10.85 -5.09
C GLY B 147 -4.96 11.04 -4.39
N SER B 148 -4.90 10.71 -3.10
CA SER B 148 -3.64 10.85 -2.35
C SER B 148 -2.64 9.78 -2.74
N THR B 149 -3.13 8.57 -3.00
CA THR B 149 -2.25 7.47 -3.35
C THR B 149 -2.41 6.97 -4.80
N LYS B 150 -3.44 7.47 -5.48
CA LYS B 150 -3.69 7.12 -6.87
C LYS B 150 -3.97 8.39 -7.69
N TYR B 151 -3.78 8.30 -9.00
CA TYR B 151 -4.07 9.44 -9.85
C TYR B 151 -5.56 9.51 -10.08
N MET B 152 -6.14 10.69 -9.89
CA MET B 152 -7.55 10.89 -10.13
C MET B 152 -7.63 12.14 -10.98
N ALA B 153 -8.47 12.08 -12.02
CA ALA B 153 -8.66 13.17 -12.96
C ALA B 153 -8.56 14.60 -12.41
N HIS B 154 -7.50 15.30 -12.79
CA HIS B 154 -7.25 16.69 -12.39
C HIS B 154 -7.37 17.02 -10.92
N TYR B 155 -7.20 16.01 -10.07
CA TYR B 155 -7.10 16.23 -8.63
C TYR B 155 -5.81 16.95 -8.26
N ASN B 156 -4.77 16.72 -9.06
CA ASN B 156 -3.58 17.55 -9.01
C ASN B 156 -3.14 17.85 -7.58
N VAL B 157 -3.03 19.13 -7.25
CA VAL B 157 -2.31 19.56 -6.06
C VAL B 157 -3.02 19.08 -4.80
N MET B 158 -4.33 18.86 -4.91
CA MET B 158 -5.12 18.39 -3.78
C MET B 158 -4.69 16.95 -3.53
N GLY B 159 -4.14 16.32 -4.57
CA GLY B 159 -3.68 14.96 -4.44
C GLY B 159 -2.45 14.91 -3.55
N LEU B 160 -1.59 15.92 -3.72
CA LEU B 160 -0.37 16.04 -2.93
C LEU B 160 -0.74 16.40 -1.50
N ALA B 161 -1.76 17.25 -1.36
CA ALA B 161 -2.20 17.68 -0.05
C ALA B 161 -2.78 16.50 0.74
N LYS B 162 -3.63 15.69 0.10
CA LYS B 162 -4.26 14.56 0.78
C LYS B 162 -3.25 13.49 1.18
N ALA B 163 -2.23 13.30 0.34
CA ALA B 163 -1.18 12.35 0.63
C ALA B 163 -0.46 12.86 1.88
N ALA B 164 -0.14 14.16 1.92
CA ALA B 164 0.53 14.73 3.09
C ALA B 164 -0.37 14.60 4.31
N LEU B 165 -1.66 14.83 4.10
CA LEU B 165 -2.65 14.75 5.16
C LEU B 165 -2.68 13.36 5.80
N GLU B 166 -2.64 12.31 4.98
CA GLU B 166 -2.68 10.96 5.53
C GLU B 166 -1.38 10.64 6.27
N SER B 167 -0.28 11.25 5.85
CA SER B 167 0.99 11.04 6.50
C SER B 167 0.88 11.74 7.85
N ALA B 168 0.30 12.94 7.85
CA ALA B 168 0.12 13.69 9.08
C ALA B 168 -0.74 12.89 10.05
N VAL B 169 -1.76 12.21 9.53
CA VAL B 169 -2.62 11.38 10.38
C VAL B 169 -1.77 10.32 11.12
N ARG B 170 -0.78 9.75 10.42
CA ARG B 170 0.09 8.74 11.00
C ARG B 170 1.03 9.32 12.05
N TYR B 171 1.63 10.48 11.76
CA TYR B 171 2.52 11.10 12.74
C TYR B 171 1.76 11.64 13.92
N LEU B 172 0.58 12.20 13.68
CA LEU B 172 -0.23 12.75 14.77
C LEU B 172 -0.71 11.64 15.69
N ALA B 173 -0.91 10.45 15.13
CA ALA B 173 -1.38 9.31 15.90
C ALA B 173 -0.30 8.86 16.88
N VAL B 174 0.95 8.93 16.45
CA VAL B 174 2.05 8.54 17.32
C VAL B 174 2.31 9.63 18.37
N ASP B 175 2.12 10.90 17.99
CA ASP B 175 2.32 12.02 18.92
C ASP B 175 1.26 12.07 20.02
N LEU B 176 0.01 11.77 19.64
CA LEU B 176 -1.13 11.82 20.55
C LEU B 176 -1.55 10.48 21.15
N GLY B 177 -1.08 9.39 20.57
CA GLY B 177 -1.44 8.08 21.04
C GLY B 177 -0.97 7.84 22.46
N LYS B 178 0.15 8.47 22.81
CA LYS B 178 0.73 8.34 24.13
C LYS B 178 -0.27 8.85 25.16
N HIS B 179 -1.11 9.79 24.73
CA HIS B 179 -2.11 10.37 25.60
C HIS B 179 -3.46 9.69 25.36
N HIS B 180 -3.40 8.50 24.77
CA HIS B 180 -4.58 7.69 24.48
C HIS B 180 -5.55 8.31 23.48
N ILE B 181 -5.07 9.31 22.75
CA ILE B 181 -5.89 10.01 21.75
C ILE B 181 -5.70 9.36 20.37
N ARG B 182 -6.80 9.22 19.62
CA ARG B 182 -6.73 8.59 18.31
C ARG B 182 -6.89 9.57 17.16
N VAL B 183 -6.24 9.27 16.05
CA VAL B 183 -6.30 10.12 14.86
C VAL B 183 -6.46 9.20 13.64
N ASN B 184 -7.44 9.50 12.79
CA ASN B 184 -7.67 8.70 11.60
C ASN B 184 -8.13 9.58 10.46
N ALA B 185 -8.23 8.97 9.28
CA ALA B 185 -8.69 9.66 8.09
C ALA B 185 -9.76 8.82 7.43
N LEU B 186 -10.86 9.47 7.06
CA LEU B 186 -11.95 8.78 6.39
C LEU B 186 -11.77 9.12 4.92
N SER B 187 -11.53 8.11 4.08
CA SER B 187 -11.36 8.34 2.65
C SER B 187 -12.71 8.09 2.00
N ALA B 188 -13.45 9.17 1.76
CA ALA B 188 -14.78 9.04 1.17
C ALA B 188 -14.73 8.95 -0.33
N GLY B 189 -15.74 8.31 -0.91
CA GLY B 189 -15.83 8.21 -2.35
C GLY B 189 -16.42 9.53 -2.81
N PRO B 190 -16.39 9.84 -4.12
CA PRO B 190 -16.94 11.09 -4.62
C PRO B 190 -18.38 11.30 -4.17
N ILE B 191 -18.71 12.53 -3.77
CA ILE B 191 -20.06 12.85 -3.34
C ILE B 191 -20.38 14.32 -3.58
N ARG B 192 -21.64 14.60 -3.92
CA ARG B 192 -22.10 15.96 -4.20
C ARG B 192 -22.11 16.85 -2.96
N THR B 193 -21.29 17.89 -3.01
CA THR B 193 -21.15 18.85 -1.92
C THR B 193 -20.88 20.20 -2.55
N LEU B 194 -20.80 21.25 -1.74
CA LEU B 194 -20.54 22.58 -2.26
C LEU B 194 -19.18 22.60 -2.95
N ALA B 195 -18.19 21.99 -2.31
CA ALA B 195 -16.85 21.95 -2.87
C ALA B 195 -16.78 21.07 -4.12
N SER B 196 -17.44 19.91 -4.09
CA SER B 196 -17.41 19.02 -5.25
C SER B 196 -18.13 19.61 -6.46
N SER B 197 -19.20 20.37 -6.22
CA SER B 197 -19.95 20.99 -7.31
C SER B 197 -19.09 22.03 -8.01
N GLY B 198 -18.01 22.44 -7.36
CA GLY B 198 -17.13 23.43 -7.94
C GLY B 198 -16.06 22.81 -8.82
N ILE B 199 -15.98 21.48 -8.81
CA ILE B 199 -14.99 20.75 -9.58
C ILE B 199 -15.46 20.38 -10.99
N ALA B 200 -14.56 20.57 -11.95
CA ALA B 200 -14.85 20.26 -13.35
C ALA B 200 -15.21 18.80 -13.56
N ASP B 201 -16.16 18.56 -14.47
CA ASP B 201 -16.62 17.22 -14.82
C ASP B 201 -16.81 16.25 -13.65
N PHE B 202 -17.13 16.79 -12.48
CA PHE B 202 -17.32 15.95 -11.30
C PHE B 202 -18.46 14.94 -11.52
N ARG B 203 -19.40 15.29 -12.37
CA ARG B 203 -20.52 14.40 -12.67
C ARG B 203 -19.98 13.13 -13.31
N MET B 204 -18.90 13.27 -14.07
CA MET B 204 -18.26 12.14 -14.73
C MET B 204 -17.48 11.29 -13.73
N ILE B 205 -16.73 11.93 -12.84
CA ILE B 205 -15.97 11.20 -11.84
C ILE B 205 -16.97 10.41 -11.00
N LEU B 206 -18.09 11.06 -10.72
CA LEU B 206 -19.17 10.48 -9.92
C LEU B 206 -19.81 9.29 -10.66
N LYS B 207 -20.10 9.49 -11.93
CA LYS B 207 -20.68 8.44 -12.77
C LYS B 207 -19.73 7.25 -12.83
N TRP B 208 -18.44 7.54 -13.00
CA TRP B 208 -17.45 6.49 -13.11
C TRP B 208 -17.37 5.63 -11.87
N ASN B 209 -17.46 6.26 -10.71
CA ASN B 209 -17.42 5.51 -9.47
C ASN B 209 -18.68 4.67 -9.32
N GLU B 210 -19.82 5.26 -9.67
CA GLU B 210 -21.09 4.57 -9.56
C GLU B 210 -21.08 3.26 -10.32
N ILE B 211 -20.58 3.29 -11.56
CA ILE B 211 -20.55 2.13 -12.41
C ILE B 211 -19.43 1.14 -12.15
N ASN B 212 -18.28 1.63 -11.74
CA ASN B 212 -17.14 0.76 -11.52
C ASN B 212 -16.91 0.31 -10.10
N ALA B 213 -17.63 0.89 -9.15
CA ALA B 213 -17.46 0.50 -7.76
C ALA B 213 -18.16 -0.85 -7.56
N PRO B 214 -17.58 -1.72 -6.74
CA PRO B 214 -18.15 -3.04 -6.47
C PRO B 214 -19.63 -3.02 -6.07
N LEU B 215 -20.01 -2.09 -5.20
CA LEU B 215 -21.41 -2.02 -4.79
C LEU B 215 -22.28 -1.33 -5.84
N ARG B 216 -21.65 -0.98 -6.97
CA ARG B 216 -22.35 -0.31 -8.07
C ARG B 216 -23.29 0.79 -7.63
N LYS B 217 -22.74 1.80 -6.97
CA LYS B 217 -23.52 2.95 -6.53
C LYS B 217 -22.58 3.91 -5.83
N ASN B 218 -22.99 5.18 -5.76
CA ASN B 218 -22.18 6.16 -5.07
C ASN B 218 -22.55 6.08 -3.61
N VAL B 219 -21.64 6.48 -2.73
CA VAL B 219 -21.93 6.42 -1.30
C VAL B 219 -22.86 7.56 -0.90
N SER B 220 -23.70 7.30 0.10
CA SER B 220 -24.62 8.32 0.59
C SER B 220 -23.95 9.15 1.70
N LEU B 221 -24.51 10.33 1.94
CA LEU B 221 -23.98 11.21 2.97
C LEU B 221 -24.13 10.53 4.34
N GLU B 222 -25.14 9.69 4.46
CA GLU B 222 -25.39 8.98 5.70
C GLU B 222 -24.32 7.91 5.94
N GLU B 223 -23.92 7.22 4.87
CA GLU B 223 -22.89 6.19 4.99
C GLU B 223 -21.55 6.76 5.39
N VAL B 224 -21.22 7.93 4.87
CA VAL B 224 -19.97 8.57 5.21
C VAL B 224 -20.11 9.03 6.66
N GLY B 225 -21.26 9.61 6.97
CA GLY B 225 -21.49 10.09 8.33
C GLY B 225 -21.37 9.00 9.38
N ASN B 226 -22.01 7.85 9.09
CA ASN B 226 -21.96 6.73 10.02
C ASN B 226 -20.53 6.22 10.17
N ALA B 227 -19.78 6.18 9.06
CA ALA B 227 -18.41 5.72 9.11
C ALA B 227 -17.60 6.68 10.01
N GLY B 228 -17.82 7.98 9.84
CA GLY B 228 -17.12 8.95 10.66
C GLY B 228 -17.46 8.77 12.13
N MET B 229 -18.75 8.67 12.43
CA MET B 229 -19.21 8.49 13.80
C MET B 229 -18.53 7.29 14.47
N TYR B 230 -18.37 6.21 13.70
CA TYR B 230 -17.72 5.01 14.21
C TYR B 230 -16.26 5.35 14.62
N LEU B 231 -15.51 5.88 13.67
CA LEU B 231 -14.13 6.31 13.88
C LEU B 231 -14.01 7.24 15.10
N LEU B 232 -15.00 8.10 15.28
CA LEU B 232 -15.01 9.04 16.40
C LEU B 232 -15.43 8.42 17.74
N SER B 233 -16.22 7.35 17.71
CA SER B 233 -16.70 6.70 18.93
C SER B 233 -15.74 5.67 19.53
N SER B 234 -16.08 5.19 20.71
CA SER B 234 -15.29 4.20 21.42
C SER B 234 -15.40 2.85 20.75
N LEU B 235 -16.28 2.77 19.76
CA LEU B 235 -16.52 1.55 19.00
C LEU B 235 -15.25 1.19 18.26
N SER B 236 -14.43 2.20 18.00
CA SER B 236 -13.18 2.02 17.27
C SER B 236 -11.97 2.41 18.12
N SER B 237 -12.11 2.32 19.44
CA SER B 237 -11.03 2.67 20.36
C SER B 237 -9.72 1.92 20.09
N GLY B 238 -9.81 0.85 19.31
CA GLY B 238 -8.60 0.10 18.99
C GLY B 238 -8.05 0.45 17.62
N VAL B 239 -8.63 1.48 16.99
CA VAL B 239 -8.24 1.94 15.66
C VAL B 239 -7.57 3.32 15.65
N SER B 240 -6.40 3.42 15.04
CA SER B 240 -5.74 4.71 14.96
C SER B 240 -4.72 4.70 13.83
N GLY B 241 -4.43 5.88 13.30
CA GLY B 241 -3.48 5.99 12.21
C GLY B 241 -3.99 5.36 10.94
N GLU B 242 -5.28 5.06 10.91
CA GLU B 242 -5.89 4.39 9.76
C GLU B 242 -6.57 5.31 8.73
N VAL B 243 -6.52 4.90 7.46
CA VAL B 243 -7.19 5.61 6.39
C VAL B 243 -8.29 4.63 6.05
N HIS B 244 -9.51 4.96 6.50
CA HIS B 244 -10.69 4.12 6.31
C HIS B 244 -11.45 4.51 5.04
N PHE B 245 -11.66 3.53 4.15
CA PHE B 245 -12.37 3.75 2.90
C PHE B 245 -13.86 3.53 2.95
N VAL B 246 -14.61 4.55 2.56
CA VAL B 246 -16.06 4.50 2.51
C VAL B 246 -16.39 4.98 1.10
N ASP B 247 -16.13 4.10 0.14
CA ASP B 247 -16.30 4.43 -1.27
C ASP B 247 -16.99 3.32 -2.06
N ALA B 248 -17.94 2.64 -1.42
CA ALA B 248 -18.66 1.56 -2.10
C ALA B 248 -17.66 0.52 -2.62
N GLY B 249 -16.46 0.50 -2.02
CA GLY B 249 -15.44 -0.46 -2.39
C GLY B 249 -14.63 -0.12 -3.63
N TYR B 250 -14.84 1.09 -4.17
CA TYR B 250 -14.14 1.49 -5.38
C TYR B 250 -12.63 1.30 -5.34
N HIS B 251 -12.00 1.64 -4.21
CA HIS B 251 -10.54 1.54 -4.08
C HIS B 251 -9.91 0.20 -4.49
N VAL B 252 -10.66 -0.90 -4.40
CA VAL B 252 -10.14 -2.21 -4.78
C VAL B 252 -10.03 -2.44 -6.29
N MET B 253 -10.69 -1.61 -7.11
CA MET B 253 -10.63 -1.81 -8.55
C MET B 253 -9.26 -1.51 -9.17
N GLY B 254 -8.74 -2.49 -9.91
CA GLY B 254 -7.47 -2.30 -10.58
C GLY B 254 -7.70 -1.79 -12.00
N MET B 255 -8.96 -1.78 -12.42
CA MET B 255 -9.35 -1.33 -13.76
C MET B 255 -10.86 -1.21 -13.82
N GLY B 256 -11.39 -0.90 -15.00
CA GLY B 256 -12.83 -0.76 -15.15
C GLY B 256 -13.52 -2.09 -14.89
N ALA B 257 -14.72 -2.02 -14.32
CA ALA B 257 -15.49 -3.23 -14.05
C ALA B 257 -16.00 -3.81 -15.37
N VAL B 258 -16.32 -5.11 -15.36
CA VAL B 258 -16.84 -5.80 -16.53
C VAL B 258 -17.65 -7.00 -16.04
N GLU B 259 -17.24 -7.50 -14.87
CA GLU B 259 -17.80 -8.65 -14.16
C GLU B 259 -19.19 -9.18 -14.51
N GLU B 260 -20.21 -8.31 -14.45
CA GLU B 260 -21.56 -8.76 -14.75
C GLU B 260 -21.62 -9.45 -16.12
N LYS B 261 -21.24 -8.74 -17.18
CA LYS B 261 -21.27 -9.32 -18.53
C LYS B 261 -19.99 -10.07 -18.90
N ASP B 262 -20.14 -11.35 -19.27
CA ASP B 262 -19.00 -12.18 -19.61
C ASP B 262 -18.99 -12.88 -20.96
N ASN B 263 -19.98 -12.60 -21.81
CA ASN B 263 -20.04 -13.22 -23.15
C ASN B 263 -18.63 -13.10 -23.74
N LYS B 264 -18.22 -11.86 -23.90
CA LYS B 264 -16.90 -11.49 -24.41
C LYS B 264 -16.33 -10.58 -23.34
N ALA B 265 -17.11 -10.40 -22.27
CA ALA B 265 -16.73 -9.52 -21.18
C ALA B 265 -16.56 -8.12 -21.74
N THR B 266 -17.46 -7.25 -21.34
CA THR B 266 -17.46 -5.88 -21.82
C THR B 266 -17.40 -4.95 -20.63
N LEU B 267 -16.79 -3.79 -20.82
CA LEU B 267 -16.68 -2.80 -19.76
C LEU B 267 -18.06 -2.31 -19.39
N LEU B 268 -18.38 -2.36 -18.10
CA LEU B 268 -19.66 -1.89 -17.63
C LEU B 268 -19.88 -0.46 -18.07
N TRP B 269 -18.78 0.24 -18.30
CA TRP B 269 -18.84 1.62 -18.73
C TRP B 269 -19.33 1.72 -20.17
N ASP B 270 -18.92 0.79 -21.01
CA ASP B 270 -19.35 0.80 -22.40
C ASP B 270 -20.83 0.43 -22.53
N LEU B 271 -21.37 -0.19 -21.50
CA LEU B 271 -22.77 -0.60 -21.51
C LEU B 271 -23.69 0.44 -20.86
N HIS B 272 -23.25 1.02 -19.74
CA HIS B 272 -24.05 2.02 -19.02
C HIS B 272 -23.27 3.34 -19.03
N LYS B 273 -24.06 4.47 -18.94
CA LYS B 273 -23.38 5.75 -18.88
C LYS B 273 -22.11 5.75 -19.73
N GLU B 274 -22.53 5.36 -21.09
CA GLU B 274 -22.16 5.69 -22.47
C GLU B 274 -22.55 4.50 -23.34
N GLN B 275 -22.57 4.57 -24.49
CA GLN B 275 -23.02 3.58 -25.47
C GLN B 275 -22.65 3.89 -26.91
N GLY C 2 29.70 -6.99 -18.99
CA GLY C 2 28.29 -6.70 -18.58
C GLY C 2 28.09 -6.77 -17.08
N PHE C 3 26.88 -6.46 -16.63
CA PHE C 3 26.57 -6.48 -15.21
C PHE C 3 26.40 -7.89 -14.66
N LEU C 4 26.26 -8.87 -15.54
CA LEU C 4 26.11 -10.25 -15.13
C LEU C 4 27.28 -11.11 -15.61
N LYS C 5 28.37 -10.46 -16.01
CA LYS C 5 29.56 -11.17 -16.47
C LYS C 5 30.02 -12.11 -15.36
N GLY C 6 30.29 -13.36 -15.72
CA GLY C 6 30.74 -14.32 -14.73
C GLY C 6 29.64 -14.89 -13.86
N LYS C 7 28.47 -14.25 -13.87
CA LYS C 7 27.35 -14.72 -13.05
C LYS C 7 26.60 -15.89 -13.68
N LYS C 8 26.13 -16.80 -12.84
CA LYS C 8 25.41 -17.99 -13.29
C LYS C 8 23.97 -18.00 -12.78
N GLY C 9 23.02 -18.16 -13.69
CA GLY C 9 21.63 -18.17 -13.28
C GLY C 9 20.77 -19.26 -13.90
N LEU C 10 19.73 -19.64 -13.18
CA LEU C 10 18.82 -20.65 -13.63
C LEU C 10 17.54 -19.95 -14.09
N ILE C 11 17.10 -20.27 -15.31
CA ILE C 11 15.89 -19.68 -15.84
C ILE C 11 14.78 -20.73 -15.88
N VAL C 12 13.73 -20.50 -15.10
CA VAL C 12 12.61 -21.41 -15.04
C VAL C 12 11.34 -20.72 -15.50
N GLY C 13 10.78 -21.16 -16.63
CA GLY C 13 9.57 -20.54 -17.12
C GLY C 13 9.49 -20.25 -18.61
N VAL C 14 10.52 -20.62 -19.35
CA VAL C 14 10.53 -20.39 -20.79
C VAL C 14 9.64 -21.38 -21.54
N ALA C 15 8.73 -20.87 -22.36
CA ALA C 15 7.83 -21.72 -23.14
C ALA C 15 8.04 -21.46 -24.64
N ASN C 16 8.49 -20.24 -24.96
CA ASN C 16 8.78 -19.84 -26.34
C ASN C 16 9.49 -18.49 -26.35
N ASN C 17 9.76 -17.94 -27.53
CA ASN C 17 10.48 -16.67 -27.64
C ASN C 17 9.70 -15.44 -27.15
N LYS C 18 8.49 -15.67 -26.65
CA LYS C 18 7.65 -14.58 -26.14
C LYS C 18 7.49 -14.64 -24.62
N SER C 19 7.95 -15.74 -24.02
CA SER C 19 7.88 -15.90 -22.57
C SER C 19 8.65 -14.77 -21.88
N ILE C 20 8.11 -14.27 -20.77
CA ILE C 20 8.74 -13.23 -19.99
C ILE C 20 10.10 -13.75 -19.53
N ALA C 21 10.16 -15.03 -19.19
CA ALA C 21 11.42 -15.64 -18.77
C ALA C 21 12.46 -15.53 -19.87
N TYR C 22 12.00 -15.53 -21.13
CA TYR C 22 12.89 -15.41 -22.27
C TYR C 22 13.40 -13.96 -22.38
N GLY C 23 12.50 -13.02 -22.19
CA GLY C 23 12.89 -11.61 -22.26
C GLY C 23 14.00 -11.41 -21.25
N ILE C 24 13.75 -11.85 -20.02
CA ILE C 24 14.73 -11.73 -18.94
C ILE C 24 16.05 -12.43 -19.27
N ALA C 25 15.94 -13.67 -19.74
CA ALA C 25 17.12 -14.45 -20.12
C ALA C 25 17.91 -13.75 -21.22
N GLN C 26 17.19 -13.16 -22.15
CA GLN C 26 17.79 -12.43 -23.27
C GLN C 26 18.59 -11.24 -22.74
N SER C 27 17.97 -10.46 -21.86
CA SER C 27 18.62 -9.29 -21.30
C SER C 27 19.78 -9.68 -20.40
N CYS C 28 19.64 -10.77 -19.66
CA CYS C 28 20.72 -11.22 -18.78
C CYS C 28 21.88 -11.73 -19.63
N PHE C 29 21.55 -12.34 -20.76
CA PHE C 29 22.56 -12.87 -21.66
C PHE C 29 23.41 -11.74 -22.19
N ASN C 30 22.74 -10.69 -22.67
CA ASN C 30 23.42 -9.51 -23.22
C ASN C 30 24.35 -8.88 -22.19
N GLN C 31 24.24 -9.31 -20.93
CA GLN C 31 25.08 -8.77 -19.87
C GLN C 31 26.17 -9.75 -19.45
N GLY C 32 26.41 -10.76 -20.27
CA GLY C 32 27.45 -11.73 -19.99
C GLY C 32 27.14 -12.86 -19.02
N ALA C 33 25.85 -13.07 -18.73
CA ALA C 33 25.46 -14.13 -17.82
C ALA C 33 25.55 -15.52 -18.47
N THR C 34 25.95 -16.50 -17.67
CA THR C 34 26.01 -17.89 -18.11
C THR C 34 24.62 -18.40 -17.72
N LEU C 35 23.85 -18.87 -18.68
CA LEU C 35 22.50 -19.33 -18.38
C LEU C 35 22.24 -20.83 -18.47
N ALA C 36 21.21 -21.26 -17.73
CA ALA C 36 20.76 -22.64 -17.69
C ALA C 36 19.22 -22.54 -17.76
N PHE C 37 18.57 -23.46 -18.47
CA PHE C 37 17.12 -23.41 -18.58
C PHE C 37 16.44 -24.72 -18.19
N THR C 38 15.15 -24.62 -17.86
CA THR C 38 14.36 -25.79 -17.53
C THR C 38 13.10 -25.73 -18.39
N TYR C 39 12.47 -26.88 -18.60
CA TYR C 39 11.23 -26.95 -19.38
C TYR C 39 10.27 -27.89 -18.66
N LEU C 40 8.97 -27.63 -18.83
CA LEU C 40 7.92 -28.42 -18.20
C LEU C 40 7.87 -29.85 -18.75
N ASN C 41 7.90 -29.96 -20.07
CA ASN C 41 7.86 -31.26 -20.72
C ASN C 41 8.53 -31.25 -22.09
N GLU C 42 8.50 -32.39 -22.77
CA GLU C 42 9.15 -32.54 -24.07
C GLU C 42 8.61 -31.63 -25.18
N SER C 43 7.35 -31.26 -25.07
CA SER C 43 6.78 -30.38 -26.09
C SER C 43 7.35 -28.97 -25.93
N LEU C 44 7.52 -28.53 -24.68
CA LEU C 44 8.07 -27.21 -24.42
C LEU C 44 9.57 -27.22 -24.71
N GLU C 45 10.21 -28.35 -24.41
CA GLU C 45 11.64 -28.51 -24.65
C GLU C 45 11.93 -28.22 -26.12
N LYS C 46 10.95 -28.48 -26.99
CA LYS C 46 11.17 -28.22 -28.41
C LYS C 46 11.47 -26.76 -28.66
N ARG C 47 10.96 -25.88 -27.80
CA ARG C 47 11.20 -24.44 -27.96
C ARG C 47 12.31 -23.96 -27.04
N VAL C 48 12.41 -24.56 -25.87
CA VAL C 48 13.45 -24.18 -24.91
C VAL C 48 14.86 -24.45 -25.43
N ARG C 49 15.10 -25.64 -25.98
CA ARG C 49 16.46 -25.94 -26.47
C ARG C 49 16.99 -24.93 -27.47
N PRO C 50 16.33 -24.77 -28.61
CA PRO C 50 16.86 -23.78 -29.55
C PRO C 50 17.14 -22.44 -28.87
N ILE C 51 16.18 -21.99 -28.07
CA ILE C 51 16.34 -20.73 -27.35
C ILE C 51 17.59 -20.77 -26.49
N ALA C 52 17.80 -21.89 -25.80
CA ALA C 52 18.97 -22.04 -24.96
C ALA C 52 20.26 -21.95 -25.77
N GLN C 53 20.29 -22.60 -26.93
CA GLN C 53 21.47 -22.57 -27.78
C GLN C 53 21.67 -21.14 -28.26
N GLU C 54 20.56 -20.51 -28.63
CA GLU C 54 20.59 -19.13 -29.10
C GLU C 54 21.24 -18.22 -28.06
N LEU C 55 21.12 -18.60 -26.79
CA LEU C 55 21.71 -17.83 -25.70
C LEU C 55 22.96 -18.50 -25.15
N ASN C 56 23.68 -19.19 -26.04
CA ASN C 56 24.92 -19.86 -25.69
C ASN C 56 24.80 -20.75 -24.45
N SER C 57 23.71 -21.50 -24.35
CA SER C 57 23.52 -22.37 -23.19
C SER C 57 23.25 -23.83 -23.54
N PRO C 58 24.09 -24.74 -23.01
CA PRO C 58 23.92 -26.18 -23.27
C PRO C 58 23.25 -26.87 -22.07
N TYR C 59 22.93 -26.09 -21.05
CA TYR C 59 22.30 -26.60 -19.84
C TYR C 59 20.80 -26.44 -19.90
N VAL C 60 20.12 -27.52 -20.26
CA VAL C 60 18.66 -27.53 -20.34
C VAL C 60 18.17 -28.73 -19.53
N TYR C 61 17.40 -28.45 -18.49
CA TYR C 61 16.89 -29.51 -17.62
C TYR C 61 15.37 -29.58 -17.58
N GLU C 62 14.83 -30.77 -17.33
CA GLU C 62 13.40 -30.94 -17.23
C GLU C 62 12.95 -30.55 -15.83
N LEU C 63 11.83 -29.81 -15.75
CA LEU C 63 11.32 -29.40 -14.46
C LEU C 63 9.85 -29.02 -14.46
N ASP C 64 9.05 -29.92 -13.88
CA ASP C 64 7.61 -29.75 -13.71
C ASP C 64 7.55 -29.54 -12.20
N VAL C 65 7.22 -28.32 -11.77
CA VAL C 65 7.20 -28.02 -10.34
C VAL C 65 6.27 -28.89 -9.48
N SER C 66 5.42 -29.70 -10.10
CA SER C 66 4.52 -30.54 -9.33
C SER C 66 5.17 -31.88 -8.98
N LYS C 67 6.31 -32.15 -9.60
CA LYS C 67 7.05 -33.39 -9.38
C LYS C 67 8.28 -33.12 -8.52
N GLU C 68 8.20 -33.46 -7.23
CA GLU C 68 9.30 -33.22 -6.32
C GLU C 68 10.60 -33.86 -6.74
N GLU C 69 10.52 -35.04 -7.36
CA GLU C 69 11.72 -35.75 -7.80
C GLU C 69 12.50 -34.94 -8.82
N HIS C 70 11.81 -34.09 -9.58
CA HIS C 70 12.47 -33.25 -10.57
C HIS C 70 13.41 -32.25 -9.90
N PHE C 71 13.01 -31.76 -8.72
CA PHE C 71 13.84 -30.83 -7.96
C PHE C 71 15.14 -31.51 -7.53
N LYS C 72 15.06 -32.80 -7.19
CA LYS C 72 16.25 -33.56 -6.78
C LYS C 72 17.26 -33.58 -7.93
N SER C 73 16.78 -33.99 -9.10
CA SER C 73 17.60 -34.07 -10.30
C SER C 73 18.16 -32.69 -10.64
N LEU C 74 17.31 -31.66 -10.56
CA LEU C 74 17.73 -30.31 -10.85
C LEU C 74 18.93 -29.89 -10.00
N TYR C 75 18.83 -30.13 -8.69
CA TYR C 75 19.92 -29.79 -7.78
C TYR C 75 21.20 -30.45 -8.27
N ASN C 76 21.14 -31.76 -8.47
CA ASN C 76 22.29 -32.53 -8.95
C ASN C 76 22.81 -32.03 -10.28
N SER C 77 21.88 -31.65 -11.17
CA SER C 77 22.22 -31.16 -12.50
C SER C 77 23.02 -29.87 -12.49
N VAL C 78 22.45 -28.83 -11.89
CA VAL C 78 23.15 -27.54 -11.85
C VAL C 78 24.43 -27.64 -11.00
N LYS C 79 24.42 -28.49 -9.98
CA LYS C 79 25.60 -28.63 -9.14
C LYS C 79 26.74 -29.27 -9.93
N LYS C 80 26.40 -30.15 -10.86
CA LYS C 80 27.40 -30.82 -11.68
C LYS C 80 27.82 -29.94 -12.84
N ASP C 81 26.85 -29.35 -13.54
CA ASP C 81 27.13 -28.49 -14.69
C ASP C 81 27.62 -27.08 -14.39
N LEU C 82 27.03 -26.45 -13.38
CA LEU C 82 27.38 -25.08 -13.03
C LEU C 82 28.05 -24.91 -11.68
N GLY C 83 27.92 -25.90 -10.81
CA GLY C 83 28.54 -25.81 -9.50
C GLY C 83 27.87 -24.89 -8.50
N SER C 84 27.42 -23.73 -8.98
CA SER C 84 26.75 -22.76 -8.11
C SER C 84 25.91 -21.78 -8.95
N LEU C 85 24.98 -21.11 -8.29
CA LEU C 85 24.10 -20.15 -8.95
C LEU C 85 24.16 -18.75 -8.33
N ASP C 86 24.11 -17.74 -9.18
CA ASP C 86 24.14 -16.37 -8.72
C ASP C 86 22.74 -15.78 -8.74
N PHE C 87 21.88 -16.33 -9.59
CA PHE C 87 20.52 -15.84 -9.65
C PHE C 87 19.56 -16.88 -10.16
N ILE C 88 18.31 -16.75 -9.73
CA ILE C 88 17.24 -17.66 -10.12
C ILE C 88 16.06 -16.86 -10.63
N VAL C 89 15.52 -17.26 -11.78
CA VAL C 89 14.36 -16.59 -12.31
C VAL C 89 13.21 -17.58 -12.20
N HIS C 90 12.18 -17.18 -11.46
CA HIS C 90 10.99 -18.01 -11.26
C HIS C 90 9.84 -17.34 -12.01
N SER C 91 9.59 -17.79 -13.23
CA SER C 91 8.52 -17.24 -14.07
C SER C 91 7.54 -18.35 -14.44
N VAL C 92 6.83 -18.85 -13.43
CA VAL C 92 5.88 -19.94 -13.63
C VAL C 92 4.57 -19.70 -12.89
N ALA C 93 3.47 -20.10 -13.51
CA ALA C 93 2.15 -19.95 -12.92
C ALA C 93 1.15 -20.77 -13.73
N PHE C 94 0.13 -21.27 -13.05
CA PHE C 94 -0.91 -22.04 -13.72
C PHE C 94 -2.16 -22.15 -12.86
N ALA C 95 -3.29 -22.26 -13.55
CA ALA C 95 -4.58 -22.41 -12.91
C ALA C 95 -5.46 -22.94 -14.03
N PRO C 96 -6.45 -23.77 -13.70
CA PRO C 96 -7.32 -24.29 -14.76
C PRO C 96 -8.00 -23.14 -15.50
N LYS C 97 -8.25 -23.35 -16.78
CA LYS C 97 -8.89 -22.35 -17.61
C LYS C 97 -10.19 -21.82 -16.99
N GLU C 98 -11.00 -22.70 -16.43
CA GLU C 98 -12.28 -22.28 -15.83
C GLU C 98 -12.11 -21.25 -14.71
N ALA C 99 -11.08 -21.43 -13.90
CA ALA C 99 -10.81 -20.54 -12.77
C ALA C 99 -10.65 -19.09 -13.21
N LEU C 100 -10.02 -18.89 -14.36
CA LEU C 100 -9.77 -17.55 -14.88
C LEU C 100 -10.99 -16.89 -15.54
N GLU C 101 -12.13 -17.55 -15.49
CA GLU C 101 -13.33 -16.97 -16.06
C GLU C 101 -14.40 -17.08 -14.99
N GLY C 102 -15.48 -16.33 -15.13
CA GLY C 102 -16.52 -16.37 -14.12
C GLY C 102 -16.02 -15.68 -12.87
N SER C 103 -16.56 -16.05 -11.71
CA SER C 103 -16.16 -15.43 -10.46
C SER C 103 -15.26 -16.30 -9.58
N LEU C 104 -14.70 -15.69 -8.54
CA LEU C 104 -13.84 -16.40 -7.61
C LEU C 104 -14.72 -17.40 -6.86
N LEU C 105 -15.97 -17.00 -6.64
CA LEU C 105 -16.92 -17.84 -5.92
C LEU C 105 -17.08 -19.24 -6.50
N GLU C 106 -16.98 -19.37 -7.82
CA GLU C 106 -17.15 -20.66 -8.48
C GLU C 106 -15.93 -21.59 -8.40
N THR C 107 -14.77 -21.01 -8.08
CA THR C 107 -13.52 -21.78 -8.01
C THR C 107 -13.68 -23.06 -7.19
N SER C 108 -13.15 -24.16 -7.72
CA SER C 108 -13.23 -25.43 -7.00
C SER C 108 -12.02 -25.53 -6.06
N LYS C 109 -12.06 -26.47 -5.13
CA LYS C 109 -10.95 -26.66 -4.20
C LYS C 109 -9.71 -27.17 -4.94
N SER C 110 -9.93 -27.89 -6.03
CA SER C 110 -8.84 -28.46 -6.80
C SER C 110 -8.14 -27.43 -7.65
N ALA C 111 -8.91 -26.49 -8.20
CA ALA C 111 -8.34 -25.44 -9.02
C ALA C 111 -7.55 -24.49 -8.12
N PHE C 112 -8.08 -24.27 -6.92
CA PHE C 112 -7.45 -23.39 -5.94
C PHE C 112 -6.07 -23.92 -5.59
N ASN C 113 -6.01 -25.18 -5.17
CA ASN C 113 -4.76 -25.81 -4.79
C ASN C 113 -3.77 -25.83 -5.93
N THR C 114 -4.25 -26.10 -7.14
CA THR C 114 -3.36 -26.13 -8.27
C THR C 114 -2.77 -24.74 -8.47
N ALA C 115 -3.61 -23.72 -8.46
CA ALA C 115 -3.14 -22.36 -8.64
C ALA C 115 -2.08 -22.01 -7.59
N MET C 116 -2.34 -22.38 -6.34
CA MET C 116 -1.40 -22.06 -5.27
C MET C 116 -0.11 -22.87 -5.32
N GLU C 117 -0.22 -24.15 -5.62
CA GLU C 117 0.97 -24.99 -5.66
C GLU C 117 1.93 -24.68 -6.81
N ILE C 118 1.40 -24.48 -8.00
CA ILE C 118 2.23 -24.20 -9.15
C ILE C 118 2.73 -22.75 -9.18
N SER C 119 1.87 -21.83 -8.76
CA SER C 119 2.21 -20.41 -8.79
C SER C 119 2.87 -19.83 -7.55
N VAL C 120 2.76 -20.49 -6.41
CA VAL C 120 3.35 -19.99 -5.18
C VAL C 120 4.32 -20.93 -4.48
N TYR C 121 3.85 -22.12 -4.14
CA TYR C 121 4.72 -23.07 -3.43
C TYR C 121 6.01 -23.40 -4.20
N SER C 122 5.90 -23.50 -5.52
CA SER C 122 7.05 -23.82 -6.36
C SER C 122 8.23 -22.89 -6.15
N LEU C 123 7.96 -21.64 -5.75
CA LEU C 123 9.05 -20.68 -5.51
C LEU C 123 9.77 -21.11 -4.24
N ILE C 124 8.99 -21.54 -3.26
CA ILE C 124 9.54 -21.99 -1.99
C ILE C 124 10.43 -23.22 -2.23
N GLU C 125 9.87 -24.25 -2.86
CA GLU C 125 10.58 -25.48 -3.14
C GLU C 125 11.80 -25.26 -4.07
N LEU C 126 11.63 -24.41 -5.07
CA LEU C 126 12.73 -24.12 -5.98
C LEU C 126 13.89 -23.51 -5.20
N THR C 127 13.58 -22.47 -4.41
CA THR C 127 14.57 -21.77 -3.62
C THR C 127 15.20 -22.65 -2.54
N ASN C 128 14.36 -23.36 -1.79
CA ASN C 128 14.86 -24.22 -0.73
C ASN C 128 15.76 -25.32 -1.30
N THR C 129 15.35 -25.89 -2.42
CA THR C 129 16.11 -26.94 -3.08
C THR C 129 17.50 -26.47 -3.50
N LEU C 130 17.56 -25.27 -4.07
CA LEU C 130 18.83 -24.71 -4.57
C LEU C 130 19.60 -23.85 -3.60
N LYS C 131 19.05 -23.60 -2.41
CA LYS C 131 19.73 -22.75 -1.43
C LYS C 131 21.22 -23.08 -1.24
N PRO C 132 21.57 -24.37 -1.13
CA PRO C 132 22.98 -24.72 -0.96
C PRO C 132 23.90 -24.31 -2.11
N LEU C 133 23.34 -24.20 -3.31
CA LEU C 133 24.11 -23.83 -4.49
C LEU C 133 24.15 -22.33 -4.76
N LEU C 134 23.48 -21.56 -3.91
CA LEU C 134 23.43 -20.11 -4.09
C LEU C 134 24.64 -19.40 -3.49
N ASN C 135 25.35 -18.63 -4.30
CA ASN C 135 26.50 -17.88 -3.82
C ASN C 135 25.99 -16.66 -3.06
N ASN C 136 26.88 -15.93 -2.42
CA ASN C 136 26.43 -14.73 -1.72
C ASN C 136 26.04 -13.70 -2.79
N GLY C 137 25.17 -12.77 -2.42
CA GLY C 137 24.74 -11.76 -3.37
C GLY C 137 23.78 -12.33 -4.41
N ALA C 138 23.50 -13.62 -4.32
CA ALA C 138 22.59 -14.26 -5.26
C ALA C 138 21.24 -13.52 -5.30
N SER C 139 20.57 -13.56 -6.44
CA SER C 139 19.30 -12.87 -6.56
C SER C 139 18.19 -13.75 -7.11
N VAL C 140 17.10 -13.85 -6.36
CA VAL C 140 15.94 -14.64 -6.76
C VAL C 140 14.83 -13.70 -7.22
N LEU C 141 14.33 -13.92 -8.42
CA LEU C 141 13.29 -13.08 -9.00
C LEU C 141 12.08 -13.89 -9.45
N THR C 142 10.89 -13.40 -9.13
CA THR C 142 9.65 -14.06 -9.54
C THR C 142 8.77 -12.98 -10.18
N LEU C 143 7.73 -13.39 -10.90
CA LEU C 143 6.85 -12.43 -11.56
C LEU C 143 5.46 -12.34 -10.92
N SER C 144 4.91 -11.15 -10.87
CA SER C 144 3.59 -10.97 -10.29
C SER C 144 2.78 -10.03 -11.18
N TYR C 145 1.56 -9.74 -10.75
CA TYR C 145 0.66 -8.87 -11.50
C TYR C 145 -0.24 -8.08 -10.54
N LEU C 146 -0.59 -6.85 -10.95
CA LEU C 146 -1.44 -5.96 -10.15
C LEU C 146 -2.64 -6.67 -9.52
N GLY C 147 -3.14 -7.70 -10.20
CA GLY C 147 -4.28 -8.43 -9.69
C GLY C 147 -4.09 -8.99 -8.29
N SER C 148 -2.87 -8.93 -7.77
CA SER C 148 -2.60 -9.42 -6.42
C SER C 148 -3.17 -8.48 -5.36
N THR C 149 -3.01 -7.17 -5.60
CA THR C 149 -3.46 -6.17 -4.65
C THR C 149 -4.66 -5.35 -5.13
N LYS C 150 -5.01 -5.51 -6.41
CA LYS C 150 -6.17 -4.82 -6.99
C LYS C 150 -6.99 -5.82 -7.79
N TYR C 151 -8.27 -5.53 -7.95
CA TYR C 151 -9.12 -6.41 -8.74
C TYR C 151 -8.87 -6.21 -10.22
N MET C 152 -8.67 -7.30 -10.93
CA MET C 152 -8.49 -7.20 -12.36
C MET C 152 -9.45 -8.24 -12.89
N ALA C 153 -10.11 -7.89 -13.98
CA ALA C 153 -11.11 -8.73 -14.64
C ALA C 153 -10.80 -10.23 -14.67
N HIS C 154 -11.67 -10.99 -14.00
CA HIS C 154 -11.60 -12.46 -13.92
C HIS C 154 -10.25 -13.12 -13.59
N TYR C 155 -9.32 -12.33 -13.07
CA TYR C 155 -8.05 -12.85 -12.58
C TYR C 155 -8.27 -13.79 -11.40
N ASN C 156 -9.37 -13.58 -10.67
CA ASN C 156 -9.83 -14.54 -9.68
C ASN C 156 -8.67 -15.18 -8.93
N VAL C 157 -8.62 -16.51 -8.96
CA VAL C 157 -7.71 -17.27 -8.08
C VAL C 157 -6.26 -16.95 -8.23
N MET C 158 -5.89 -16.51 -9.44
CA MET C 158 -4.50 -16.17 -9.73
C MET C 158 -4.19 -14.88 -8.96
N GLY C 159 -5.25 -14.18 -8.57
CA GLY C 159 -5.07 -12.93 -7.84
C GLY C 159 -4.69 -13.26 -6.41
N LEU C 160 -5.26 -14.35 -5.91
CA LEU C 160 -4.99 -14.81 -4.55
C LEU C 160 -3.59 -15.41 -4.52
N ALA C 161 -3.24 -16.08 -5.60
CA ALA C 161 -1.93 -16.71 -5.72
C ALA C 161 -0.83 -15.65 -5.79
N LYS C 162 -1.01 -14.64 -6.64
CA LYS C 162 0.01 -13.61 -6.76
C LYS C 162 0.18 -12.86 -5.45
N ALA C 163 -0.93 -12.62 -4.76
CA ALA C 163 -0.88 -11.94 -3.48
C ALA C 163 0.00 -12.76 -2.54
N ALA C 164 -0.25 -14.07 -2.49
CA ALA C 164 0.52 -14.97 -1.64
C ALA C 164 1.98 -14.97 -2.03
N LEU C 165 2.21 -14.99 -3.34
CA LEU C 165 3.54 -14.98 -3.92
C LEU C 165 4.35 -13.75 -3.49
N GLU C 166 3.72 -12.58 -3.50
CA GLU C 166 4.42 -11.36 -3.12
C GLU C 166 4.72 -11.37 -1.63
N SER C 167 3.88 -12.07 -0.86
CA SER C 167 4.07 -12.17 0.57
C SER C 167 5.22 -13.15 0.79
N ALA C 168 5.29 -14.18 -0.05
CA ALA C 168 6.35 -15.16 0.03
C ALA C 168 7.66 -14.43 -0.24
N VAL C 169 7.65 -13.54 -1.23
CA VAL C 169 8.85 -12.78 -1.55
C VAL C 169 9.40 -12.03 -0.33
N ARG C 170 8.50 -11.51 0.51
CA ARG C 170 8.93 -10.77 1.70
C ARG C 170 9.48 -11.70 2.77
N TYR C 171 8.86 -12.86 2.95
CA TYR C 171 9.36 -13.79 3.94
C TYR C 171 10.64 -14.45 3.47
N LEU C 172 10.73 -14.77 2.19
CA LEU C 172 11.95 -15.38 1.67
C LEU C 172 13.12 -14.41 1.70
N ALA C 173 12.84 -13.12 1.63
CA ALA C 173 13.88 -12.11 1.66
C ALA C 173 14.48 -12.02 3.07
N VAL C 174 13.65 -12.20 4.07
CA VAL C 174 14.12 -12.16 5.44
C VAL C 174 14.87 -13.46 5.75
N ASP C 175 14.40 -14.58 5.21
CA ASP C 175 15.03 -15.88 5.42
C ASP C 175 16.40 -16.01 4.74
N LEU C 176 16.51 -15.52 3.51
CA LEU C 176 17.74 -15.59 2.73
C LEU C 176 18.62 -14.33 2.78
N GLY C 177 18.06 -13.23 3.26
CA GLY C 177 18.80 -11.99 3.35
C GLY C 177 19.99 -12.11 4.27
N LYS C 178 19.87 -12.96 5.29
CA LYS C 178 20.93 -13.21 6.27
C LYS C 178 22.16 -13.74 5.55
N HIS C 179 21.92 -14.49 4.48
CA HIS C 179 22.99 -15.08 3.68
C HIS C 179 23.32 -14.17 2.50
N HIS C 180 22.94 -12.90 2.62
CA HIS C 180 23.20 -11.91 1.58
C HIS C 180 22.53 -12.18 0.24
N ILE C 181 21.48 -13.00 0.26
CA ILE C 181 20.75 -13.33 -0.95
C ILE C 181 19.53 -12.42 -1.05
N ARG C 182 19.22 -11.95 -2.25
CA ARG C 182 18.08 -11.07 -2.45
C ARG C 182 16.92 -11.75 -3.15
N VAL C 183 15.71 -11.30 -2.83
CA VAL C 183 14.50 -11.87 -3.43
C VAL C 183 13.54 -10.72 -3.76
N ASN C 184 13.04 -10.71 -5.00
CA ASN C 184 12.10 -9.67 -5.42
C ASN C 184 11.06 -10.23 -6.37
N ALA C 185 10.11 -9.38 -6.72
CA ALA C 185 9.07 -9.78 -7.65
C ALA C 185 8.93 -8.66 -8.66
N LEU C 186 8.89 -9.05 -9.92
CA LEU C 186 8.71 -8.06 -10.98
C LEU C 186 7.24 -8.15 -11.33
N SER C 187 6.52 -7.04 -11.14
CA SER C 187 5.10 -7.01 -11.44
C SER C 187 4.97 -6.40 -12.82
N ALA C 188 4.89 -7.27 -13.83
CA ALA C 188 4.79 -6.84 -15.22
C ALA C 188 3.40 -6.39 -15.63
N GLY C 189 3.35 -5.52 -16.64
CA GLY C 189 2.06 -5.06 -17.15
C GLY C 189 1.57 -6.15 -18.08
N PRO C 190 0.32 -6.09 -18.57
CA PRO C 190 -0.15 -7.15 -19.48
C PRO C 190 0.74 -7.25 -20.70
N ILE C 191 1.01 -8.47 -21.16
CA ILE C 191 1.81 -8.65 -22.36
C ILE C 191 1.49 -9.99 -23.02
N ARG C 192 1.47 -10.00 -24.34
CA ARG C 192 1.14 -11.20 -25.11
C ARG C 192 2.16 -12.32 -24.91
N THR C 193 1.69 -13.45 -24.41
CA THR C 193 2.52 -14.62 -24.14
C THR C 193 1.63 -15.84 -24.29
N LEU C 194 2.23 -17.02 -24.35
CA LEU C 194 1.43 -18.25 -24.50
C LEU C 194 0.35 -18.33 -23.43
N ALA C 195 0.70 -18.05 -22.18
CA ALA C 195 -0.26 -18.10 -21.09
C ALA C 195 -1.31 -17.00 -21.20
N SER C 196 -0.88 -15.79 -21.54
CA SER C 196 -1.82 -14.67 -21.68
C SER C 196 -2.80 -14.93 -22.83
N SER C 197 -2.29 -15.45 -23.96
CA SER C 197 -3.14 -15.73 -25.11
C SER C 197 -4.24 -16.74 -24.77
N GLY C 198 -4.08 -17.42 -23.65
CA GLY C 198 -5.07 -18.39 -23.23
C GLY C 198 -6.15 -17.75 -22.37
N ILE C 199 -5.97 -16.48 -22.03
CA ILE C 199 -6.93 -15.77 -21.20
C ILE C 199 -8.01 -15.03 -21.98
N ALA C 200 -9.24 -15.14 -21.49
CA ALA C 200 -10.41 -14.52 -22.10
C ALA C 200 -10.29 -13.00 -22.15
N ASP C 201 -10.74 -12.44 -23.28
CA ASP C 201 -10.72 -10.99 -23.52
C ASP C 201 -9.43 -10.30 -23.10
N PHE C 202 -8.32 -11.01 -23.19
CA PHE C 202 -7.03 -10.45 -22.82
C PHE C 202 -6.71 -9.25 -23.71
N ARG C 203 -7.21 -9.27 -24.94
CA ARG C 203 -6.97 -8.17 -25.87
C ARG C 203 -7.50 -6.89 -25.25
N MET C 204 -8.62 -7.03 -24.54
CA MET C 204 -9.28 -5.91 -23.88
C MET C 204 -8.46 -5.41 -22.68
N ILE C 205 -8.05 -6.31 -21.81
CA ILE C 205 -7.23 -5.95 -20.65
C ILE C 205 -5.98 -5.23 -21.17
N LEU C 206 -5.46 -5.73 -22.27
CA LEU C 206 -4.28 -5.20 -22.93
C LEU C 206 -4.58 -3.81 -23.50
N LYS C 207 -5.70 -3.70 -24.23
CA LYS C 207 -6.09 -2.42 -24.82
C LYS C 207 -6.27 -1.40 -23.71
N TRP C 208 -6.95 -1.82 -22.65
CA TRP C 208 -7.22 -0.92 -21.53
C TRP C 208 -5.95 -0.36 -20.91
N ASN C 209 -4.95 -1.22 -20.72
CA ASN C 209 -3.69 -0.78 -20.15
C ASN C 209 -2.99 0.17 -21.12
N GLU C 210 -3.07 -0.14 -22.40
CA GLU C 210 -2.43 0.70 -23.42
C GLU C 210 -2.94 2.13 -23.40
N ILE C 211 -4.25 2.30 -23.29
CA ILE C 211 -4.85 3.63 -23.31
C ILE C 211 -4.85 4.38 -21.99
N ASN C 212 -5.00 3.66 -20.89
CA ASN C 212 -5.05 4.28 -19.58
C ASN C 212 -3.70 4.40 -18.87
N ALA C 213 -2.68 3.70 -19.35
CA ALA C 213 -1.37 3.76 -18.72
C ALA C 213 -0.73 5.10 -19.01
N PRO C 214 -0.04 5.67 -18.03
CA PRO C 214 0.63 6.96 -18.17
C PRO C 214 1.46 7.10 -19.45
N LEU C 215 2.32 6.13 -19.73
CA LEU C 215 3.14 6.22 -20.94
C LEU C 215 2.35 5.88 -22.20
N ARG C 216 1.05 5.67 -22.04
CA ARG C 216 0.17 5.37 -23.16
C ARG C 216 0.72 4.34 -24.12
N LYS C 217 0.95 3.14 -23.62
CA LYS C 217 1.45 2.04 -24.45
C LYS C 217 1.65 0.83 -23.57
N ASN C 218 1.65 -0.35 -24.20
CA ASN C 218 1.89 -1.56 -23.46
C ASN C 218 3.39 -1.71 -23.33
N VAL C 219 3.84 -2.45 -22.33
CA VAL C 219 5.28 -2.64 -22.13
C VAL C 219 5.78 -3.69 -23.11
N SER C 220 7.02 -3.52 -23.55
CA SER C 220 7.61 -4.48 -24.48
C SER C 220 8.25 -5.61 -23.67
N LEU C 221 8.56 -6.70 -24.35
CA LEU C 221 9.19 -7.84 -23.68
C LEU C 221 10.59 -7.41 -23.23
N GLU C 222 11.22 -6.55 -24.02
CA GLU C 222 12.55 -6.06 -23.70
C GLU C 222 12.56 -5.22 -22.41
N GLU C 223 11.55 -4.38 -22.23
CA GLU C 223 11.46 -3.56 -21.03
C GLU C 223 11.29 -4.42 -19.79
N VAL C 224 10.47 -5.47 -19.89
CA VAL C 224 10.27 -6.37 -18.76
C VAL C 224 11.58 -7.12 -18.53
N GLY C 225 12.21 -7.55 -19.63
CA GLY C 225 13.47 -8.25 -19.53
C GLY C 225 14.57 -7.43 -18.87
N ASN C 226 14.72 -6.18 -19.31
CA ASN C 226 15.73 -5.30 -18.74
C ASN C 226 15.48 -5.06 -17.26
N ALA C 227 14.22 -4.84 -16.90
CA ALA C 227 13.86 -4.63 -15.52
C ALA C 227 14.29 -5.87 -14.71
N GLY C 228 13.98 -7.06 -15.22
CA GLY C 228 14.35 -8.29 -14.53
C GLY C 228 15.85 -8.41 -14.35
N MET C 229 16.59 -8.20 -15.44
CA MET C 229 18.05 -8.28 -15.40
C MET C 229 18.58 -7.37 -14.30
N TYR C 230 18.06 -6.15 -14.24
CA TYR C 230 18.46 -5.19 -13.21
C TYR C 230 18.29 -5.82 -11.83
N LEU C 231 17.07 -6.28 -11.56
CA LEU C 231 16.74 -6.92 -10.29
C LEU C 231 17.70 -8.08 -9.99
N LEU C 232 18.10 -8.81 -11.01
CA LEU C 232 19.02 -9.94 -10.86
C LEU C 232 20.48 -9.56 -10.70
N SER C 233 20.86 -8.39 -11.23
CA SER C 233 22.25 -7.94 -11.16
C SER C 233 22.61 -7.20 -9.87
N SER C 234 23.92 -6.98 -9.71
CA SER C 234 24.45 -6.28 -8.54
C SER C 234 24.06 -4.80 -8.60
N LEU C 235 23.47 -4.41 -9.72
CA LEU C 235 23.04 -3.04 -9.91
C LEU C 235 22.01 -2.72 -8.84
N SER C 236 21.31 -3.76 -8.39
CA SER C 236 20.26 -3.62 -7.38
C SER C 236 20.59 -4.36 -6.08
N SER C 237 21.88 -4.48 -5.78
CA SER C 237 22.31 -5.17 -4.57
C SER C 237 21.71 -4.57 -3.30
N GLY C 238 21.14 -3.38 -3.42
CA GLY C 238 20.53 -2.75 -2.26
C GLY C 238 19.03 -2.92 -2.21
N VAL C 239 18.48 -3.69 -3.15
CA VAL C 239 17.03 -3.93 -3.27
C VAL C 239 16.61 -5.37 -2.96
N SER C 240 15.66 -5.54 -2.05
CA SER C 240 15.19 -6.88 -1.73
C SER C 240 13.79 -6.79 -1.17
N GLY C 241 13.01 -7.85 -1.34
CA GLY C 241 11.65 -7.87 -0.83
C GLY C 241 10.75 -6.88 -1.53
N GLU C 242 11.20 -6.41 -2.68
CA GLU C 242 10.45 -5.42 -3.45
C GLU C 242 9.60 -5.98 -4.59
N VAL C 243 8.47 -5.32 -4.84
CA VAL C 243 7.58 -5.68 -5.93
C VAL C 243 7.79 -4.50 -6.88
N HIS C 244 8.56 -4.74 -7.94
CA HIS C 244 8.91 -3.73 -8.93
C HIS C 244 7.91 -3.72 -10.09
N PHE C 245 7.28 -2.57 -10.33
CA PHE C 245 6.29 -2.43 -11.39
C PHE C 245 6.87 -2.00 -12.73
N VAL C 246 6.64 -2.84 -13.73
CA VAL C 246 7.09 -2.55 -15.09
C VAL C 246 5.82 -2.66 -15.92
N ASP C 247 4.99 -1.62 -15.82
CA ASP C 247 3.70 -1.61 -16.48
C ASP C 247 3.36 -0.29 -17.16
N ALA C 248 4.38 0.45 -17.59
CA ALA C 248 4.18 1.74 -18.25
C ALA C 248 3.48 2.68 -17.27
N GLY C 249 3.67 2.40 -15.98
CA GLY C 249 3.10 3.21 -14.93
C GLY C 249 1.62 3.01 -14.66
N TYR C 250 1.05 1.96 -15.23
CA TYR C 250 -0.37 1.70 -15.05
C TYR C 250 -0.84 1.64 -13.60
N HIS C 251 -0.02 1.09 -12.72
CA HIS C 251 -0.38 0.94 -11.31
C HIS C 251 -0.79 2.24 -10.59
N VAL C 252 -0.31 3.39 -11.06
CA VAL C 252 -0.66 4.65 -10.41
C VAL C 252 -2.07 5.16 -10.72
N MET C 253 -2.74 4.60 -11.73
CA MET C 253 -4.09 5.06 -12.10
C MET C 253 -5.20 4.76 -11.10
N GLY C 254 -5.90 5.80 -10.65
CA GLY C 254 -6.98 5.63 -9.70
C GLY C 254 -8.30 5.48 -10.45
N MET C 255 -8.22 5.73 -11.75
CA MET C 255 -9.40 5.63 -12.59
C MET C 255 -8.96 5.76 -14.04
N GLY C 256 -9.91 5.76 -14.95
CA GLY C 256 -9.57 5.88 -16.35
C GLY C 256 -8.90 7.21 -16.63
N ALA C 257 -8.01 7.21 -17.62
CA ALA C 257 -7.30 8.41 -18.04
C ALA C 257 -8.26 9.33 -18.80
N VAL C 258 -7.95 10.63 -18.79
CA VAL C 258 -8.74 11.65 -19.48
C VAL C 258 -7.81 12.80 -19.82
N GLU C 259 -6.80 12.96 -18.97
CA GLU C 259 -5.76 14.00 -19.02
C GLU C 259 -5.54 14.79 -20.30
N GLU C 260 -5.29 14.10 -21.41
CA GLU C 260 -5.06 14.81 -22.67
C GLU C 260 -6.19 15.78 -22.97
N LYS C 261 -7.41 15.26 -23.11
CA LYS C 261 -8.57 16.11 -23.42
C LYS C 261 -9.24 16.73 -22.19
N ASP C 262 -9.31 18.06 -22.17
CA ASP C 262 -9.90 18.79 -21.04
C ASP C 262 -11.05 19.77 -21.31
N ASN C 263 -11.56 19.80 -22.54
CA ASN C 263 -12.69 20.69 -22.88
C ASN C 263 -13.72 20.50 -21.77
N LYS C 264 -14.21 19.26 -21.70
CA LYS C 264 -15.18 18.81 -20.72
C LYS C 264 -14.50 17.63 -20.03
N ALA C 265 -13.30 17.31 -20.51
CA ALA C 265 -12.51 16.20 -20.02
C ALA C 265 -13.30 14.93 -20.32
N THR C 266 -12.78 14.14 -21.26
CA THR C 266 -13.42 12.91 -21.65
C THR C 266 -12.47 11.76 -21.42
N LEU C 267 -13.04 10.59 -21.12
CA LEU C 267 -12.25 9.39 -20.90
C LEU C 267 -11.53 9.05 -22.18
N LEU C 268 -10.21 8.88 -22.11
CA LEU C 268 -9.43 8.54 -23.29
C LEU C 268 -9.95 7.24 -23.89
N TRP C 269 -10.68 6.47 -23.10
CA TRP C 269 -11.24 5.22 -23.57
C TRP C 269 -12.44 5.49 -24.47
N ASP C 270 -13.20 6.53 -24.15
CA ASP C 270 -14.36 6.86 -24.95
C ASP C 270 -13.94 7.47 -26.29
N LEU C 271 -12.68 7.87 -26.37
CA LEU C 271 -12.15 8.46 -27.59
C LEU C 271 -11.39 7.46 -28.47
N HIS C 272 -10.56 6.64 -27.84
CA HIS C 272 -9.78 5.65 -28.57
C HIS C 272 -10.24 4.25 -28.19
N LYS C 273 -10.03 3.27 -29.06
CA LYS C 273 -10.46 1.90 -28.79
C LYS C 273 -11.82 1.91 -28.12
N GLU C 274 -12.79 2.46 -28.83
CA GLU C 274 -14.16 2.59 -28.36
C GLU C 274 -14.59 3.89 -29.02
N GLN C 275 -15.83 3.97 -29.49
CA GLN C 275 -16.33 5.17 -30.15
C GLN C 275 -17.84 5.07 -30.39
N GLY D 2 -30.89 -1.66 18.34
CA GLY D 2 -29.46 -1.87 17.97
C GLY D 2 -29.24 -1.81 16.48
N PHE D 3 -27.97 -1.80 16.06
CA PHE D 3 -27.63 -1.73 14.65
C PHE D 3 -27.79 -3.02 13.88
N LEU D 4 -27.98 -4.12 14.60
CA LEU D 4 -28.16 -5.42 13.97
C LEU D 4 -29.51 -6.00 14.35
N LYS D 5 -30.39 -5.19 14.92
CA LYS D 5 -31.72 -5.66 15.32
C LYS D 5 -32.43 -6.29 14.12
N GLY D 6 -32.89 -7.52 14.31
CA GLY D 6 -33.59 -8.22 13.24
C GLY D 6 -32.68 -8.87 12.21
N LYS D 7 -31.38 -8.59 12.30
CA LYS D 7 -30.42 -9.15 11.34
C LYS D 7 -29.97 -10.53 11.78
N LYS D 8 -29.77 -11.42 10.81
CA LYS D 8 -29.36 -12.79 11.09
C LYS D 8 -27.96 -13.10 10.59
N GLY D 9 -27.10 -13.59 11.48
CA GLY D 9 -25.75 -13.89 11.08
C GLY D 9 -25.19 -15.24 11.52
N LEU D 10 -24.25 -15.76 10.74
CA LEU D 10 -23.62 -17.03 11.02
C LEU D 10 -22.20 -16.80 11.53
N ILE D 11 -21.93 -17.24 12.76
CA ILE D 11 -20.61 -17.07 13.34
C ILE D 11 -19.79 -18.35 13.17
N VAL D 12 -18.71 -18.26 12.40
CA VAL D 12 -17.84 -19.41 12.17
C VAL D 12 -16.46 -19.18 12.77
N GLY D 13 -16.06 -20.00 13.74
CA GLY D 13 -14.74 -19.84 14.33
C GLY D 13 -14.67 -19.71 15.84
N VAL D 14 -15.77 -19.96 16.54
CA VAL D 14 -15.74 -19.86 17.99
C VAL D 14 -15.12 -21.13 18.60
N ALA D 15 -14.09 -20.95 19.44
CA ALA D 15 -13.43 -22.07 20.10
C ALA D 15 -13.70 -21.99 21.61
N ASN D 16 -13.76 -20.77 22.13
CA ASN D 16 -14.03 -20.52 23.55
C ASN D 16 -14.36 -19.04 23.76
N ASN D 17 -14.56 -18.63 25.02
CA ASN D 17 -14.91 -17.25 25.36
C ASN D 17 -13.83 -16.20 25.06
N LYS D 18 -12.72 -16.63 24.48
CA LYS D 18 -11.63 -15.71 24.15
C LYS D 18 -11.43 -15.58 22.64
N SER D 19 -12.13 -16.42 21.89
CA SER D 19 -12.05 -16.41 20.42
C SER D 19 -12.48 -15.05 19.90
N ILE D 20 -11.80 -14.57 18.87
CA ILE D 20 -12.17 -13.31 18.26
C ILE D 20 -13.61 -13.43 17.75
N ALA D 21 -13.98 -14.60 17.24
CA ALA D 21 -15.33 -14.79 16.73
C ALA D 21 -16.37 -14.54 17.83
N TYR D 22 -16.00 -14.87 19.06
CA TYR D 22 -16.89 -14.66 20.19
C TYR D 22 -16.97 -13.16 20.52
N GLY D 23 -15.82 -12.49 20.50
CA GLY D 23 -15.81 -11.06 20.77
C GLY D 23 -16.75 -10.35 19.80
N ILE D 24 -16.70 -10.76 18.53
CA ILE D 24 -17.55 -10.17 17.50
C ILE D 24 -19.01 -10.57 17.74
N ALA D 25 -19.23 -11.86 18.03
CA ALA D 25 -20.57 -12.38 18.26
C ALA D 25 -21.22 -11.65 19.42
N GLN D 26 -20.41 -11.44 20.46
CA GLN D 26 -20.83 -10.74 21.66
C GLN D 26 -21.29 -9.34 21.29
N SER D 27 -20.44 -8.61 20.58
CA SER D 27 -20.77 -7.25 20.18
C SER D 27 -21.99 -7.21 19.25
N CYS D 28 -22.10 -8.19 18.36
CA CYS D 28 -23.24 -8.23 17.45
C CYS D 28 -24.49 -8.53 18.23
N PHE D 29 -24.35 -9.37 19.24
CA PHE D 29 -25.49 -9.75 20.08
C PHE D 29 -26.04 -8.53 20.79
N ASN D 30 -25.15 -7.74 21.39
CA ASN D 30 -25.53 -6.52 22.11
C ASN D 30 -26.22 -5.53 21.19
N GLN D 31 -26.19 -5.80 19.89
CA GLN D 31 -26.83 -4.93 18.92
C GLN D 31 -28.14 -5.50 18.39
N GLY D 32 -28.61 -6.58 19.02
CA GLY D 32 -29.87 -7.17 18.60
C GLY D 32 -29.86 -8.25 17.53
N ALA D 33 -28.67 -8.65 17.09
CA ALA D 33 -28.56 -9.68 16.05
C ALA D 33 -29.02 -11.05 16.54
N THR D 34 -29.54 -11.85 15.60
CA THR D 34 -29.96 -13.21 15.89
C THR D 34 -28.75 -14.01 15.40
N LEU D 35 -28.16 -14.81 16.28
CA LEU D 35 -26.95 -15.56 15.92
C LEU D 35 -27.07 -17.07 15.77
N ALA D 36 -26.16 -17.62 14.99
CA ALA D 36 -26.08 -19.06 14.74
C ALA D 36 -24.58 -19.33 14.76
N PHE D 37 -24.17 -20.41 15.40
CA PHE D 37 -22.75 -20.74 15.48
C PHE D 37 -22.43 -22.12 14.91
N THR D 38 -21.15 -22.32 14.58
CA THR D 38 -20.67 -23.60 14.07
C THR D 38 -19.43 -23.96 14.87
N TYR D 39 -19.18 -25.26 15.02
CA TYR D 39 -18.01 -25.74 15.75
C TYR D 39 -17.31 -26.77 14.87
N LEU D 40 -15.99 -26.87 15.01
CA LEU D 40 -15.19 -27.82 14.24
C LEU D 40 -15.50 -29.29 14.57
N ASN D 41 -15.50 -29.62 15.86
CA ASN D 41 -15.79 -30.97 16.33
C ASN D 41 -16.46 -30.96 17.71
N GLU D 42 -16.79 -32.15 18.20
CA GLU D 42 -17.47 -32.28 19.48
C GLU D 42 -16.74 -31.77 20.71
N SER D 43 -15.42 -31.63 20.63
CA SER D 43 -14.69 -31.12 21.79
C SER D 43 -14.90 -29.61 21.85
N LEU D 44 -14.90 -28.97 20.69
CA LEU D 44 -15.10 -27.53 20.62
C LEU D 44 -16.55 -27.20 20.94
N GLU D 45 -17.44 -28.06 20.49
CA GLU D 45 -18.88 -27.88 20.73
C GLU D 45 -19.16 -27.74 22.22
N LYS D 46 -18.30 -28.32 23.05
CA LYS D 46 -18.49 -28.25 24.48
C LYS D 46 -18.41 -26.79 24.92
N ARG D 47 -17.65 -25.98 24.18
CA ARG D 47 -17.53 -24.57 24.52
C ARG D 47 -18.45 -23.68 23.70
N VAL D 48 -18.72 -24.09 22.46
CA VAL D 48 -19.58 -23.32 21.59
C VAL D 48 -21.02 -23.27 22.10
N ARG D 49 -21.60 -24.42 22.41
CA ARG D 49 -23.00 -24.46 22.89
C ARG D 49 -23.30 -23.53 24.05
N PRO D 50 -22.64 -23.71 25.20
CA PRO D 50 -22.94 -22.81 26.31
C PRO D 50 -22.81 -21.35 25.87
N ILE D 51 -21.78 -21.03 25.09
CA ILE D 51 -21.58 -19.68 24.60
C ILE D 51 -22.79 -19.27 23.76
N ALA D 52 -23.24 -20.18 22.90
CA ALA D 52 -24.37 -19.92 22.04
C ALA D 52 -25.62 -19.61 22.85
N GLN D 53 -25.84 -20.39 23.91
CA GLN D 53 -27.00 -20.19 24.76
C GLN D 53 -26.87 -18.86 25.48
N GLU D 54 -25.65 -18.56 25.92
CA GLU D 54 -25.38 -17.29 26.60
C GLU D 54 -25.79 -16.15 25.68
N LEU D 55 -25.66 -16.37 24.38
CA LEU D 55 -26.01 -15.37 23.39
C LEU D 55 -27.38 -15.63 22.79
N ASN D 56 -28.26 -16.19 23.60
CA ASN D 56 -29.63 -16.47 23.19
C ASN D 56 -29.73 -17.21 21.86
N SER D 57 -28.83 -18.16 21.63
CA SER D 57 -28.84 -18.90 20.38
C SER D 57 -28.97 -20.41 20.50
N PRO D 58 -29.95 -20.99 19.79
CA PRO D 58 -30.15 -22.45 19.83
C PRO D 58 -29.65 -23.06 18.52
N TYR D 59 -29.14 -22.22 17.63
CA TYR D 59 -28.63 -22.67 16.34
C TYR D 59 -27.12 -22.90 16.39
N VAL D 60 -26.74 -24.15 16.63
CA VAL D 60 -25.35 -24.55 16.69
C VAL D 60 -25.15 -25.67 15.67
N TYR D 61 -24.26 -25.47 14.72
CA TYR D 61 -24.03 -26.49 13.70
C TYR D 61 -22.58 -26.91 13.60
N GLU D 62 -22.36 -28.18 13.23
CA GLU D 62 -21.01 -28.67 13.06
C GLU D 62 -20.47 -28.22 11.72
N LEU D 63 -19.22 -27.77 11.71
CA LEU D 63 -18.61 -27.34 10.47
C LEU D 63 -17.09 -27.36 10.49
N ASP D 64 -16.53 -28.33 9.80
CA ASP D 64 -15.09 -28.50 9.64
C ASP D 64 -14.92 -28.12 8.18
N VAL D 65 -14.31 -26.96 7.92
CA VAL D 65 -14.16 -26.48 6.56
C VAL D 65 -13.43 -27.42 5.61
N SER D 66 -12.85 -28.50 6.11
CA SER D 66 -12.14 -29.42 5.23
C SER D 66 -13.09 -30.46 4.66
N LYS D 67 -14.28 -30.55 5.24
CA LYS D 67 -15.30 -31.50 4.78
C LYS D 67 -16.41 -30.78 4.03
N GLU D 68 -16.43 -30.97 2.71
CA GLU D 68 -17.41 -30.33 1.85
C GLU D 68 -18.86 -30.68 2.22
N GLU D 69 -19.10 -31.91 2.65
CA GLU D 69 -20.45 -32.33 2.99
C GLU D 69 -21.03 -31.49 4.13
N HIS D 70 -20.15 -30.98 5.00
CA HIS D 70 -20.58 -30.15 6.12
C HIS D 70 -21.22 -28.86 5.62
N PHE D 71 -20.74 -28.37 4.48
CA PHE D 71 -21.27 -27.16 3.89
C PHE D 71 -22.69 -27.42 3.39
N LYS D 72 -22.92 -28.63 2.86
CA LYS D 72 -24.24 -29.02 2.38
C LYS D 72 -25.23 -28.94 3.55
N SER D 73 -24.87 -29.60 4.65
CA SER D 73 -25.70 -29.62 5.85
C SER D 73 -25.89 -28.21 6.39
N LEU D 74 -24.82 -27.42 6.39
CA LEU D 74 -24.89 -26.06 6.87
C LEU D 74 -25.95 -25.29 6.09
N TYR D 75 -25.91 -25.38 4.77
CA TYR D 75 -26.89 -24.70 3.94
C TYR D 75 -28.29 -25.07 4.39
N ASN D 76 -28.60 -26.36 4.37
CA ASN D 76 -29.91 -26.87 4.77
C ASN D 76 -30.27 -26.44 6.20
N SER D 77 -29.31 -26.47 7.10
CA SER D 77 -29.57 -26.07 8.50
C SER D 77 -29.97 -24.61 8.64
N VAL D 78 -29.13 -23.68 8.18
CA VAL D 78 -29.50 -22.27 8.33
C VAL D 78 -30.76 -21.95 7.52
N LYS D 79 -30.92 -22.59 6.37
CA LYS D 79 -32.11 -22.34 5.55
C LYS D 79 -33.39 -22.80 6.24
N LYS D 80 -33.29 -23.85 7.05
CA LYS D 80 -34.46 -24.35 7.75
C LYS D 80 -34.68 -23.60 9.05
N ASP D 81 -33.60 -23.35 9.78
CA ASP D 81 -33.70 -22.65 11.05
C ASP D 81 -33.83 -21.13 10.95
N LEU D 82 -33.04 -20.52 10.08
CA LEU D 82 -33.04 -19.07 9.93
C LEU D 82 -33.65 -18.55 8.63
N GLY D 83 -33.68 -19.37 7.60
CA GLY D 83 -34.27 -18.95 6.34
C GLY D 83 -33.37 -18.08 5.48
N SER D 84 -32.66 -17.16 6.11
CA SER D 84 -31.75 -16.28 5.39
C SER D 84 -30.71 -15.66 6.32
N LEU D 85 -29.65 -15.13 5.72
CA LEU D 85 -28.57 -14.53 6.48
C LEU D 85 -28.26 -13.09 6.10
N ASP D 86 -27.93 -12.29 7.09
CA ASP D 86 -27.59 -10.89 6.86
C ASP D 86 -26.09 -10.68 6.97
N PHE D 87 -25.41 -11.55 7.69
CA PHE D 87 -23.97 -11.41 7.81
C PHE D 87 -23.28 -12.72 8.17
N ILE D 88 -22.06 -12.86 7.69
CA ILE D 88 -21.28 -14.06 7.94
C ILE D 88 -19.96 -13.66 8.56
N VAL D 89 -19.57 -14.36 9.62
CA VAL D 89 -18.29 -14.10 10.27
C VAL D 89 -17.37 -15.28 9.99
N HIS D 90 -16.26 -15.00 9.31
CA HIS D 90 -15.29 -16.04 8.96
C HIS D 90 -14.01 -15.81 9.75
N SER D 91 -13.92 -16.46 10.91
CA SER D 91 -12.77 -16.34 11.82
C SER D 91 -12.16 -17.72 11.98
N VAL D 92 -11.53 -18.22 10.92
CA VAL D 92 -10.94 -19.55 10.94
C VAL D 92 -9.62 -19.58 10.16
N ALA D 93 -8.63 -20.26 10.73
CA ALA D 93 -7.32 -20.39 10.11
C ALA D 93 -6.55 -21.50 10.81
N PHE D 94 -5.76 -22.24 10.04
CA PHE D 94 -4.96 -23.32 10.58
C PHE D 94 -3.73 -23.63 9.73
N ALA D 95 -2.66 -24.01 10.41
CA ALA D 95 -1.40 -24.38 9.76
C ALA D 95 -0.68 -25.28 10.75
N PRO D 96 -0.01 -26.34 10.27
CA PRO D 96 0.70 -27.20 11.21
C PRO D 96 1.67 -26.39 12.04
N LYS D 97 1.82 -26.76 13.31
CA LYS D 97 2.69 -26.09 14.27
C LYS D 97 4.09 -25.80 13.72
N GLU D 98 4.66 -26.77 13.00
CA GLU D 98 6.00 -26.61 12.45
C GLU D 98 6.12 -25.42 11.51
N ALA D 99 5.10 -25.23 10.67
CA ALA D 99 5.11 -24.14 9.70
C ALA D 99 5.31 -22.79 10.35
N LEU D 100 4.69 -22.60 11.50
CA LEU D 100 4.79 -21.34 12.22
C LEU D 100 6.09 -21.11 12.95
N GLU D 101 7.04 -22.03 12.79
CA GLU D 101 8.34 -21.87 13.42
C GLU D 101 9.37 -22.15 12.32
N GLY D 102 10.60 -21.71 12.54
CA GLY D 102 11.62 -21.91 11.51
C GLY D 102 11.34 -20.92 10.41
N SER D 103 11.78 -21.22 9.19
CA SER D 103 11.59 -20.32 8.06
C SER D 103 10.49 -20.81 7.12
N LEU D 104 10.12 -19.97 6.16
CA LEU D 104 9.10 -20.31 5.18
C LEU D 104 9.73 -21.37 4.28
N LEU D 105 11.03 -21.22 4.04
CA LEU D 105 11.80 -22.14 3.21
C LEU D 105 11.62 -23.61 3.57
N GLU D 106 11.46 -23.90 4.86
CA GLU D 106 11.28 -25.29 5.33
C GLU D 106 9.85 -25.82 5.21
N THR D 107 8.89 -24.96 4.91
CA THR D 107 7.50 -25.36 4.79
C THR D 107 7.35 -26.50 3.79
N SER D 108 6.54 -27.50 4.13
CA SER D 108 6.32 -28.62 3.22
C SER D 108 5.14 -28.30 2.31
N LYS D 109 4.96 -29.08 1.25
CA LYS D 109 3.85 -28.84 0.33
C LYS D 109 2.51 -29.06 1.04
N SER D 110 2.50 -30.01 1.97
CA SER D 110 1.28 -30.37 2.70
C SER D 110 0.82 -29.31 3.68
N ALA D 111 1.78 -28.75 4.42
CA ALA D 111 1.49 -27.72 5.38
C ALA D 111 0.99 -26.51 4.61
N PHE D 112 1.59 -26.27 3.45
CA PHE D 112 1.22 -25.13 2.60
C PHE D 112 -0.25 -25.23 2.21
N ASN D 113 -0.61 -26.36 1.61
CA ASN D 113 -1.97 -26.59 1.18
C ASN D 113 -2.97 -26.55 2.33
N THR D 114 -2.59 -27.08 3.47
CA THR D 114 -3.47 -27.08 4.63
C THR D 114 -3.70 -25.62 5.03
N ALA D 115 -2.61 -24.87 5.11
CA ALA D 115 -2.71 -23.47 5.47
C ALA D 115 -3.62 -22.72 4.49
N MET D 116 -3.41 -22.93 3.20
CA MET D 116 -4.23 -22.23 2.23
C MET D 116 -5.70 -22.66 2.24
N GLU D 117 -5.94 -23.96 2.26
CA GLU D 117 -7.30 -24.49 2.25
C GLU D 117 -8.15 -24.09 3.43
N ILE D 118 -7.64 -24.33 4.63
CA ILE D 118 -8.38 -24.02 5.84
C ILE D 118 -8.50 -22.53 6.13
N SER D 119 -7.49 -21.76 5.74
CA SER D 119 -7.48 -20.33 6.02
C SER D 119 -7.96 -19.42 4.89
N VAL D 120 -7.92 -19.90 3.66
CA VAL D 120 -8.33 -19.07 2.53
C VAL D 120 -9.50 -19.63 1.71
N TYR D 121 -9.34 -20.84 1.19
CA TYR D 121 -10.40 -21.40 0.36
C TYR D 121 -11.73 -21.52 1.09
N SER D 122 -11.66 -21.74 2.41
CA SER D 122 -12.86 -21.89 3.21
C SER D 122 -13.79 -20.68 3.15
N LEU D 123 -13.21 -19.49 2.93
CA LEU D 123 -14.02 -18.28 2.82
C LEU D 123 -14.81 -18.33 1.52
N ILE D 124 -14.15 -18.78 0.45
CA ILE D 124 -14.78 -18.91 -0.86
C ILE D 124 -15.95 -19.89 -0.77
N GLU D 125 -15.66 -21.11 -0.30
CA GLU D 125 -16.67 -22.15 -0.18
C GLU D 125 -17.79 -21.74 0.76
N LEU D 126 -17.44 -21.16 1.91
CA LEU D 126 -18.45 -20.74 2.87
C LEU D 126 -19.40 -19.70 2.26
N THR D 127 -18.82 -18.75 1.52
CA THR D 127 -19.60 -17.70 0.88
C THR D 127 -20.38 -18.21 -0.31
N ASN D 128 -19.77 -19.06 -1.12
CA ASN D 128 -20.46 -19.57 -2.29
C ASN D 128 -21.63 -20.47 -1.87
N THR D 129 -21.38 -21.32 -0.89
CA THR D 129 -22.39 -22.24 -0.37
C THR D 129 -23.62 -21.49 0.13
N LEU D 130 -23.39 -20.44 0.92
CA LEU D 130 -24.46 -19.65 1.50
C LEU D 130 -24.95 -18.48 0.65
N LYS D 131 -24.31 -18.23 -0.49
CA LYS D 131 -24.74 -17.11 -1.32
C LYS D 131 -26.28 -17.03 -1.49
N PRO D 132 -26.94 -18.14 -1.86
CA PRO D 132 -28.40 -18.13 -2.03
C PRO D 132 -29.21 -17.69 -0.82
N LEU D 133 -28.64 -17.84 0.37
CA LEU D 133 -29.34 -17.46 1.58
C LEU D 133 -29.02 -16.05 2.05
N LEU D 134 -28.12 -15.38 1.34
CA LEU D 134 -27.75 -14.01 1.71
C LEU D 134 -28.74 -12.96 1.22
N ASN D 135 -29.23 -12.15 2.16
CA ASN D 135 -30.17 -11.08 1.81
C ASN D 135 -29.33 -9.94 1.24
N ASN D 136 -30.01 -8.95 0.68
CA ASN D 136 -29.30 -7.79 0.14
C ASN D 136 -28.71 -7.04 1.31
N GLY D 137 -27.62 -6.34 1.07
CA GLY D 137 -27.00 -5.58 2.13
C GLY D 137 -26.27 -6.47 3.11
N ALA D 138 -26.23 -7.77 2.84
CA ALA D 138 -25.55 -8.68 3.74
C ALA D 138 -24.07 -8.31 3.76
N SER D 139 -23.39 -8.68 4.83
CA SER D 139 -21.97 -8.38 5.04
C SER D 139 -21.15 -9.62 5.42
N VAL D 140 -20.04 -9.82 4.72
CA VAL D 140 -19.17 -10.96 4.99
C VAL D 140 -17.86 -10.44 5.58
N LEU D 141 -17.50 -10.92 6.75
CA LEU D 141 -16.29 -10.47 7.40
C LEU D 141 -15.34 -11.62 7.68
N THR D 142 -14.04 -11.36 7.49
CA THR D 142 -13.02 -12.37 7.78
C THR D 142 -11.92 -11.66 8.57
N LEU D 143 -11.00 -12.44 9.15
CA LEU D 143 -9.93 -11.88 9.96
C LEU D 143 -8.54 -12.04 9.34
N SER D 144 -7.74 -10.98 9.41
CA SER D 144 -6.41 -11.05 8.87
C SER D 144 -5.40 -10.49 9.87
N TYR D 145 -4.15 -10.36 9.44
CA TYR D 145 -3.09 -9.87 10.29
C TYR D 145 -2.02 -9.20 9.44
N LEU D 146 -1.35 -8.19 10.00
CA LEU D 146 -0.29 -7.44 9.31
C LEU D 146 0.70 -8.36 8.60
N GLY D 147 0.82 -9.60 9.08
CA GLY D 147 1.75 -10.54 8.49
C GLY D 147 1.50 -10.85 7.02
N SER D 148 0.36 -10.39 6.52
CA SER D 148 0.00 -10.60 5.11
C SER D 148 0.80 -9.72 4.17
N THR D 149 1.06 -8.48 4.59
CA THR D 149 1.79 -7.53 3.75
C THR D 149 3.13 -7.10 4.33
N LYS D 150 3.41 -7.53 5.56
CA LYS D 150 4.68 -7.20 6.23
C LYS D 150 5.22 -8.45 6.89
N TYR D 151 6.52 -8.49 7.10
CA TYR D 151 7.11 -9.64 7.76
C TYR D 151 6.87 -9.59 9.26
N MET D 152 6.34 -10.68 9.80
CA MET D 152 6.11 -10.80 11.23
C MET D 152 6.78 -12.10 11.64
N ALA D 153 7.50 -12.07 12.76
CA ALA D 153 8.24 -13.22 13.28
C ALA D 153 7.62 -14.59 13.14
N HIS D 154 8.23 -15.40 12.28
CA HIS D 154 7.82 -16.79 12.01
C HIS D 154 6.36 -17.03 11.65
N TYR D 155 5.69 -15.97 11.19
CA TYR D 155 4.34 -16.09 10.66
C TYR D 155 4.34 -16.92 9.37
N ASN D 156 5.41 -16.80 8.59
CA ASN D 156 5.66 -17.72 7.50
C ASN D 156 4.42 -17.96 6.64
N VAL D 157 4.02 -19.22 6.53
CA VAL D 157 3.03 -19.61 5.53
C VAL D 157 1.69 -18.96 5.79
N MET D 158 1.42 -18.64 7.05
CA MET D 158 0.16 -18.01 7.43
C MET D 158 0.18 -16.58 6.89
N GLY D 159 1.39 -16.09 6.57
CA GLY D 159 1.51 -14.75 6.02
C GLY D 159 1.10 -14.79 4.56
N LEU D 160 1.42 -15.90 3.91
CA LEU D 160 1.07 -16.09 2.51
C LEU D 160 -0.45 -16.25 2.44
N ALA D 161 -0.98 -17.05 3.36
CA ALA D 161 -2.42 -17.30 3.44
C ALA D 161 -3.21 -16.00 3.64
N LYS D 162 -2.83 -15.22 4.65
CA LYS D 162 -3.53 -13.97 4.92
C LYS D 162 -3.46 -12.99 3.75
N ALA D 163 -2.34 -12.99 3.03
CA ALA D 163 -2.18 -12.12 1.88
C ALA D 163 -3.22 -12.55 0.83
N ALA D 164 -3.33 -13.87 0.62
CA ALA D 164 -4.28 -14.41 -0.35
C ALA D 164 -5.70 -14.12 0.10
N LEU D 165 -5.91 -14.21 1.40
CA LEU D 165 -7.22 -13.97 1.99
C LEU D 165 -7.68 -12.53 1.75
N GLU D 166 -6.77 -11.56 1.87
CA GLU D 166 -7.15 -10.17 1.64
C GLU D 166 -7.43 -9.94 0.17
N SER D 167 -6.71 -10.67 -0.69
CA SER D 167 -6.91 -10.55 -2.11
C SER D 167 -8.28 -11.14 -2.43
N ALA D 168 -8.62 -12.25 -1.77
CA ALA D 168 -9.91 -12.89 -1.97
C ALA D 168 -11.04 -11.94 -1.57
N VAL D 169 -10.84 -11.25 -0.47
CA VAL D 169 -11.82 -10.30 0.03
C VAL D 169 -12.12 -9.26 -1.07
N ARG D 170 -11.09 -8.86 -1.83
CA ARG D 170 -11.27 -7.89 -2.88
C ARG D 170 -12.05 -8.47 -4.05
N TYR D 171 -11.72 -9.69 -4.46
CA TYR D 171 -12.42 -10.32 -5.57
C TYR D 171 -13.85 -10.71 -5.20
N LEU D 172 -14.04 -11.17 -3.97
CA LEU D 172 -15.37 -11.57 -3.51
C LEU D 172 -16.27 -10.34 -3.40
N ALA D 173 -15.67 -9.21 -3.05
CA ALA D 173 -16.41 -7.96 -2.92
C ALA D 173 -16.95 -7.54 -4.28
N VAL D 174 -16.18 -7.78 -5.34
CA VAL D 174 -16.63 -7.45 -6.68
C VAL D 174 -17.68 -8.47 -7.17
N ASP D 175 -17.46 -9.75 -6.85
CA ASP D 175 -18.40 -10.80 -7.24
C ASP D 175 -19.77 -10.62 -6.59
N LEU D 176 -19.77 -10.32 -5.29
CA LEU D 176 -20.99 -10.17 -4.51
C LEU D 176 -21.53 -8.73 -4.36
N GLY D 177 -20.74 -7.75 -4.77
CA GLY D 177 -21.19 -6.37 -4.65
C GLY D 177 -22.38 -6.09 -5.54
N LYS D 178 -22.41 -6.76 -6.69
CA LYS D 178 -23.48 -6.61 -7.66
C LYS D 178 -24.81 -6.95 -7.00
N HIS D 179 -24.75 -7.83 -6.01
CA HIS D 179 -25.93 -8.26 -5.26
C HIS D 179 -26.04 -7.46 -3.97
N HIS D 180 -25.36 -6.32 -3.93
CA HIS D 180 -25.37 -5.41 -2.78
C HIS D 180 -24.80 -6.00 -1.49
N ILE D 181 -24.04 -7.09 -1.61
CA ILE D 181 -23.43 -7.76 -0.46
C ILE D 181 -22.00 -7.24 -0.26
N ARG D 182 -21.61 -7.05 1.00
CA ARG D 182 -20.26 -6.54 1.30
C ARG D 182 -19.30 -7.58 1.84
N VAL D 183 -18.02 -7.38 1.54
CA VAL D 183 -16.98 -8.30 2.01
C VAL D 183 -15.80 -7.50 2.51
N ASN D 184 -15.38 -7.74 3.75
CA ASN D 184 -14.24 -7.01 4.30
C ASN D 184 -13.38 -7.93 5.15
N ALA D 185 -12.24 -7.40 5.56
CA ALA D 185 -11.31 -8.14 6.41
C ALA D 185 -10.91 -7.26 7.56
N LEU D 186 -11.02 -7.80 8.77
CA LEU D 186 -10.62 -7.06 9.97
C LEU D 186 -9.22 -7.56 10.31
N SER D 187 -8.24 -6.66 10.28
CA SER D 187 -6.87 -7.05 10.61
C SER D 187 -6.60 -6.70 12.07
N ALA D 188 -6.80 -7.68 12.94
CA ALA D 188 -6.62 -7.47 14.37
C ALA D 188 -5.16 -7.47 14.77
N GLY D 189 -4.88 -6.80 15.89
CA GLY D 189 -3.54 -6.76 16.42
C GLY D 189 -3.39 -8.03 17.23
N PRO D 190 -2.18 -8.40 17.64
CA PRO D 190 -1.96 -9.62 18.43
C PRO D 190 -2.87 -9.66 19.65
N ILE D 191 -3.48 -10.81 19.91
CA ILE D 191 -4.36 -10.96 21.06
C ILE D 191 -4.40 -12.43 21.50
N ARG D 192 -4.46 -12.63 22.82
CA ARG D 192 -4.46 -13.96 23.42
C ARG D 192 -5.72 -14.77 23.15
N THR D 193 -5.55 -15.86 22.41
CA THR D 193 -6.64 -16.76 22.05
C THR D 193 -6.07 -18.17 22.07
N LEU D 194 -6.93 -19.16 21.87
CA LEU D 194 -6.49 -20.54 21.86
C LEU D 194 -5.41 -20.74 20.80
N ALA D 195 -5.64 -20.20 19.60
CA ALA D 195 -4.66 -20.33 18.53
C ALA D 195 -3.37 -19.58 18.83
N SER D 196 -3.49 -18.34 19.29
CA SER D 196 -2.31 -17.54 19.58
C SER D 196 -1.46 -18.15 20.70
N SER D 197 -2.11 -18.77 21.67
CA SER D 197 -1.38 -19.39 22.77
C SER D 197 -0.52 -20.54 22.26
N GLY D 198 -0.85 -21.05 21.07
CA GLY D 198 -0.09 -22.15 20.51
C GLY D 198 1.12 -21.69 19.71
N ILE D 199 1.23 -20.39 19.48
CA ILE D 199 2.34 -19.84 18.72
C ILE D 199 3.55 -19.53 19.62
N ALA D 200 4.74 -19.82 19.09
CA ALA D 200 5.99 -19.60 19.81
C ALA D 200 6.25 -18.12 20.09
N ASP D 201 6.81 -17.85 21.26
CA ASP D 201 7.16 -16.50 21.71
C ASP D 201 6.09 -15.43 21.47
N PHE D 202 4.83 -15.85 21.46
CA PHE D 202 3.74 -14.91 21.22
C PHE D 202 3.67 -13.83 22.30
N ARG D 203 4.20 -14.14 23.48
CA ARG D 203 4.21 -13.18 24.57
C ARG D 203 5.11 -12.01 24.16
N MET D 204 6.13 -12.31 23.38
CA MET D 204 7.06 -11.30 22.89
C MET D 204 6.42 -10.44 21.79
N ILE D 205 5.79 -11.09 20.82
CA ILE D 205 5.13 -10.38 19.73
C ILE D 205 4.08 -9.47 20.37
N LEU D 206 3.42 -9.99 21.40
CA LEU D 206 2.41 -9.26 22.13
C LEU D 206 3.04 -8.07 22.83
N LYS D 207 4.14 -8.32 23.55
CA LYS D 207 4.85 -7.27 24.26
C LYS D 207 5.34 -6.19 23.30
N TRP D 208 5.84 -6.63 22.15
CA TRP D 208 6.35 -5.69 21.17
C TRP D 208 5.31 -4.75 20.61
N ASN D 209 4.09 -5.25 20.40
CA ASN D 209 3.03 -4.40 19.90
C ASN D 209 2.59 -3.45 20.99
N GLU D 210 2.49 -3.95 22.22
CA GLU D 210 2.07 -3.13 23.35
C GLU D 210 2.90 -1.86 23.45
N ILE D 211 4.22 -2.02 23.44
CA ILE D 211 5.14 -0.91 23.58
C ILE D 211 5.37 -0.06 22.33
N ASN D 212 5.25 -0.66 21.16
CA ASN D 212 5.51 0.09 19.95
C ASN D 212 4.27 0.63 19.27
N ALA D 213 3.11 0.11 19.64
CA ALA D 213 1.88 0.59 19.05
C ALA D 213 1.69 2.03 19.53
N PRO D 214 1.09 2.89 18.70
CA PRO D 214 0.87 4.28 19.07
C PRO D 214 0.03 4.44 20.35
N LEU D 215 -1.02 3.64 20.51
CA LEU D 215 -1.85 3.74 21.69
C LEU D 215 -1.21 3.03 22.88
N ARG D 216 0.02 2.58 22.69
CA ARG D 216 0.79 1.90 23.73
C ARG D 216 -0.01 0.93 24.56
N LYS D 217 -0.56 -0.09 23.90
CA LYS D 217 -1.34 -1.10 24.58
C LYS D 217 -1.77 -2.10 23.55
N ASN D 218 -2.17 -3.29 23.99
CA ASN D 218 -2.65 -4.31 23.08
C ASN D 218 -4.16 -4.06 22.96
N VAL D 219 -4.75 -4.51 21.87
CA VAL D 219 -6.19 -4.31 21.69
C VAL D 219 -6.99 -5.33 22.49
N SER D 220 -8.15 -4.90 22.99
CA SER D 220 -9.00 -5.79 23.76
C SER D 220 -9.94 -6.58 22.84
N LEU D 221 -10.43 -7.71 23.33
CA LEU D 221 -11.34 -8.54 22.56
C LEU D 221 -12.58 -7.70 22.20
N GLU D 222 -13.00 -6.84 23.11
CA GLU D 222 -14.16 -6.00 22.89
C GLU D 222 -13.93 -5.03 21.72
N GLU D 223 -12.74 -4.45 21.66
CA GLU D 223 -12.40 -3.53 20.59
C GLU D 223 -12.45 -4.24 19.24
N VAL D 224 -11.92 -5.46 19.19
CA VAL D 224 -11.96 -6.23 17.95
C VAL D 224 -13.41 -6.59 17.66
N GLY D 225 -14.15 -6.92 18.72
CA GLY D 225 -15.55 -7.28 18.56
C GLY D 225 -16.38 -6.14 18.00
N ASN D 226 -16.18 -4.95 18.57
CA ASN D 226 -16.90 -3.77 18.12
C ASN D 226 -16.58 -3.38 16.68
N ALA D 227 -15.31 -3.51 16.32
CA ALA D 227 -14.86 -3.20 14.98
C ALA D 227 -15.54 -4.17 13.99
N GLY D 228 -15.61 -5.44 14.36
CA GLY D 228 -16.24 -6.44 13.51
C GLY D 228 -17.72 -6.13 13.37
N MET D 229 -18.38 -5.90 14.50
CA MET D 229 -19.81 -5.58 14.50
C MET D 229 -20.11 -4.40 13.56
N TYR D 230 -19.27 -3.37 13.61
CA TYR D 230 -19.41 -2.20 12.75
C TYR D 230 -19.40 -2.65 11.28
N LEU D 231 -18.35 -3.37 10.89
CA LEU D 231 -18.17 -3.90 9.53
C LEU D 231 -19.34 -4.77 9.08
N LEU D 232 -19.96 -5.47 10.02
CA LEU D 232 -21.08 -6.33 9.72
C LEU D 232 -22.42 -5.58 9.68
N SER D 233 -22.48 -4.41 10.32
CA SER D 233 -23.72 -3.63 10.36
C SER D 233 -23.85 -2.63 9.22
N SER D 234 -25.07 -2.11 9.08
CA SER D 234 -25.43 -1.15 8.05
C SER D 234 -24.68 0.17 8.28
N LEU D 235 -24.03 0.27 9.44
CA LEU D 235 -23.27 1.46 9.77
C LEU D 235 -22.15 1.63 8.75
N SER D 236 -21.72 0.50 8.18
CA SER D 236 -20.63 0.52 7.21
C SER D 236 -21.10 0.11 5.81
N SER D 237 -22.38 0.34 5.52
CA SER D 237 -22.95 -0.02 4.23
C SER D 237 -22.19 0.55 3.05
N GLY D 238 -21.36 1.55 3.29
CA GLY D 238 -20.57 2.14 2.20
C GLY D 238 -19.14 1.61 2.15
N VAL D 239 -18.86 0.58 2.95
CA VAL D 239 -17.54 -0.01 3.03
C VAL D 239 -17.46 -1.44 2.53
N SER D 240 -16.56 -1.70 1.59
CA SER D 240 -16.40 -3.05 1.08
C SER D 240 -15.02 -3.25 0.50
N GLY D 241 -14.55 -4.49 0.55
CA GLY D 241 -13.23 -4.82 0.02
C GLY D 241 -12.12 -4.17 0.82
N GLU D 242 -12.46 -3.78 2.04
CA GLU D 242 -11.49 -3.10 2.91
C GLU D 242 -10.82 -4.00 3.94
N VAL D 243 -9.57 -3.68 4.27
CA VAL D 243 -8.84 -4.41 5.29
C VAL D 243 -8.74 -3.39 6.41
N HIS D 244 -9.59 -3.56 7.42
CA HIS D 244 -9.68 -2.62 8.54
C HIS D 244 -8.77 -3.04 9.69
N PHE D 245 -7.88 -2.13 10.07
CA PHE D 245 -6.90 -2.36 11.13
C PHE D 245 -7.39 -1.98 12.52
N VAL D 246 -7.40 -2.97 13.41
CA VAL D 246 -7.78 -2.76 14.80
C VAL D 246 -6.58 -3.29 15.56
N ASP D 247 -5.51 -2.49 15.58
CA ASP D 247 -4.28 -2.92 16.22
C ASP D 247 -3.62 -1.81 17.05
N ALA D 248 -4.45 -0.96 17.67
CA ALA D 248 -3.93 0.13 18.48
C ALA D 248 -3.03 1.05 17.63
N GLY D 249 -3.22 0.97 16.31
CA GLY D 249 -2.47 1.79 15.38
C GLY D 249 -1.08 1.28 15.03
N TYR D 250 -0.77 0.08 15.48
CA TYR D 250 0.54 -0.49 15.22
C TYR D 250 0.98 -0.48 13.76
N HIS D 251 0.06 -0.76 12.85
CA HIS D 251 0.39 -0.80 11.43
C HIS D 251 1.10 0.42 10.86
N VAL D 252 0.93 1.59 11.47
CA VAL D 252 1.58 2.82 10.99
C VAL D 252 3.07 2.95 11.36
N MET D 253 3.56 2.08 12.24
CA MET D 253 4.97 2.16 12.67
C MET D 253 5.98 1.72 11.62
N GLY D 254 6.92 2.59 11.29
CA GLY D 254 7.92 2.25 10.31
C GLY D 254 9.18 1.72 10.98
N MET D 255 9.19 1.74 12.32
CA MET D 255 10.31 1.28 13.14
C MET D 255 9.87 1.30 14.60
N GLY D 256 10.76 0.87 15.50
CA GLY D 256 10.43 0.88 16.92
C GLY D 256 10.13 2.28 17.42
N ALA D 257 9.21 2.39 18.38
CA ALA D 257 8.86 3.71 18.93
C ALA D 257 10.00 4.26 19.78
N VAL D 258 9.98 5.57 20.00
CA VAL D 258 11.00 6.23 20.83
C VAL D 258 10.38 7.53 21.35
N GLU D 259 9.43 8.04 20.56
CA GLU D 259 8.68 9.28 20.79
C GLU D 259 8.64 9.93 22.17
N GLU D 260 8.20 9.19 23.18
CA GLU D 260 8.12 9.76 24.53
C GLU D 260 9.46 10.35 24.96
N LYS D 261 10.52 9.54 24.98
CA LYS D 261 11.85 10.00 25.39
C LYS D 261 12.67 10.60 24.23
N ASP D 262 13.12 11.84 24.41
CA ASP D 262 13.89 12.53 23.38
C ASP D 262 15.24 13.13 23.76
N ASN D 263 15.70 12.88 24.98
CA ASN D 263 17.00 13.40 25.42
C ASN D 263 17.98 13.12 24.30
N LYS D 264 18.15 11.84 24.03
CA LYS D 264 19.00 11.31 22.98
C LYS D 264 18.06 10.46 22.14
N ALA D 265 16.81 10.39 22.60
CA ALA D 265 15.78 9.59 21.96
C ALA D 265 16.21 8.13 22.06
N THR D 266 15.48 7.37 22.86
CA THR D 266 15.81 5.98 23.05
C THR D 266 14.60 5.13 22.70
N LEU D 267 14.85 3.92 22.19
CA LEU D 267 13.77 3.02 21.83
C LEU D 267 12.98 2.71 23.09
N LEU D 268 11.67 2.85 23.01
CA LEU D 268 10.81 2.56 24.13
C LEU D 268 11.03 1.13 24.56
N TRP D 269 11.49 0.31 23.62
CA TRP D 269 11.74 -1.09 23.90
C TRP D 269 12.93 -1.25 24.84
N ASP D 270 13.94 -0.42 24.68
CA ASP D 270 15.13 -0.51 25.53
C ASP D 270 14.82 -0.01 26.94
N LEU D 271 13.72 0.70 27.09
CA LEU D 271 13.35 1.23 28.40
C LEU D 271 12.35 0.33 29.13
N HIS D 272 11.37 -0.19 28.41
CA HIS D 272 10.34 -1.03 29.01
C HIS D 272 10.46 -2.44 28.44
N LYS D 273 9.96 -3.43 29.19
CA LYS D 273 10.03 -4.83 28.74
C LYS D 273 11.36 -5.12 28.06
N GLU D 274 12.44 -4.75 28.74
CA GLU D 274 13.80 -4.93 28.26
C GLU D 274 14.67 -3.91 28.98
N GLN D 275 15.71 -4.38 29.66
CA GLN D 275 16.62 -3.51 30.40
C GLN D 275 17.97 -4.22 30.66
#